data_7LOU
#
_entry.id   7LOU
#
_cell.length_a   51.087
_cell.length_b   121.340
_cell.length_c   206.417
_cell.angle_alpha   90.000
_cell.angle_beta   90.000
_cell.angle_gamma   90.000
#
_symmetry.space_group_name_H-M   'P 21 21 21'
#
loop_
_entity.id
_entity.type
_entity.pdbx_description
1 polymer 'Glucosyltransferase TcdB'
2 non-polymer 1,2-ETHANEDIOL
3 non-polymer "URIDINE-5'-DIPHOSPHATE"
4 non-polymer 5-HYDROXYMETHYL-3,4-DIHYDROXYPIPERIDINE
5 non-polymer 'MANGANESE (II) ION'
6 water water
#
_entity_poly.entity_id   1
_entity_poly.type   'polypeptide(L)'
_entity_poly.pdbx_seq_one_letter_code
;MGSLVNRKQLEKMANVRFRTQEDEYVAILDALEEYHNMSENTVVEKYLKLKDINSLTDIYIDTYKKSGRNKALKKFKEYL
VTEVLELKNNNLTPVEKNLHFVWIGGQINDTAINYINQWKDVNSDYNVNVFYDSNAFLINTLKKTVVESAINDTLESFRE
NLNDPRFDYNKFFRKRMEIIYDKQKNFINYYKAQREENPELIIDDIVKTYLSNEYSKEIDELNTYIEESLNKITQNSGND
VRNFEEFKNGESFNLYEQELVERWNLAAASDILRISALKEIGGMYLDVDMLPGIQPDLFESIEKPSSVTVDFWEMTKLEA
IMKYKEYIPEYTSEHFDMLDEEVQSSFESVLASKSDKSEIFSSLGDMEASPLEVKIAFNSKGIINQGLISVKDSYCSNLI
VKQIENRYKILNNSLNPAISEDNDFNTTTNTFIDSIMAEANADNGRFMMELGKYLRVGFFPDVKTTINLSGPEAYAAAYQ
DLLMFKEGSMNIHLIEADLRNFEISKTNISQSTEQEMASLWSFDDARAKAQFEEYKRNYFEGSLLEHHHHHH
;
_entity_poly.pdbx_strand_id   A,B
#
loop_
_chem_comp.id
_chem_comp.type
_chem_comp.name
_chem_comp.formula
EDO non-polymer 1,2-ETHANEDIOL 'C2 H6 O2'
IFM non-polymer 5-HYDROXYMETHYL-3,4-DIHYDROXYPIPERIDINE 'C6 H13 N O3'
MN non-polymer 'MANGANESE (II) ION' 'Mn 2'
UDP RNA linking URIDINE-5'-DIPHOSPHATE 'C9 H14 N2 O12 P2'
#
# COMPACT_ATOMS: atom_id res chain seq x y z
N SER A 3 -38.74 -1.54 -38.71
CA SER A 3 -38.31 -1.40 -40.13
C SER A 3 -38.18 0.08 -40.50
N LEU A 4 -37.22 0.39 -41.36
CA LEU A 4 -37.04 1.78 -41.88
C LEU A 4 -38.20 2.06 -42.85
N VAL A 5 -38.75 3.27 -42.81
CA VAL A 5 -39.76 3.76 -43.79
C VAL A 5 -39.40 3.28 -45.22
N ASN A 6 -40.39 2.87 -45.99
CA ASN A 6 -40.22 2.55 -47.43
C ASN A 6 -40.37 3.84 -48.24
N ARG A 7 -40.14 3.76 -49.55
CA ARG A 7 -40.23 4.91 -50.48
C ARG A 7 -41.59 5.60 -50.37
N LYS A 8 -42.68 4.84 -50.46
CA LYS A 8 -44.07 5.39 -50.35
C LYS A 8 -44.19 6.22 -49.08
N GLN A 9 -43.68 5.70 -47.96
CA GLN A 9 -43.81 6.34 -46.62
C GLN A 9 -42.98 7.63 -46.57
N LEU A 10 -41.78 7.64 -47.17
CA LEU A 10 -40.96 8.88 -47.18
C LEU A 10 -41.62 9.91 -48.11
N GLU A 11 -42.07 9.47 -49.30
CA GLU A 11 -42.82 10.34 -50.27
C GLU A 11 -43.96 11.02 -49.51
N LYS A 12 -44.69 10.27 -48.65
CA LYS A 12 -45.79 10.81 -47.82
C LYS A 12 -45.22 11.82 -46.80
N MET A 13 -44.15 11.49 -46.08
CA MET A 13 -43.52 12.38 -45.07
C MET A 13 -43.05 13.70 -45.70
N ALA A 14 -42.32 13.63 -46.82
CA ALA A 14 -41.62 14.79 -47.42
C ALA A 14 -42.44 15.39 -48.57
N ASN A 15 -43.70 15.00 -48.70
CA ASN A 15 -44.63 15.56 -49.71
C ASN A 15 -44.69 17.08 -49.57
N VAL A 16 -44.64 17.80 -50.69
CA VAL A 16 -45.01 19.24 -50.79
C VAL A 16 -45.95 19.35 -51.98
N ARG A 17 -47.23 19.64 -51.73
CA ARG A 17 -48.32 19.55 -52.74
C ARG A 17 -47.92 20.37 -53.98
N PHE A 18 -48.02 19.78 -55.16
CA PHE A 18 -47.76 20.43 -56.47
C PHE A 18 -46.31 20.87 -56.66
N ARG A 19 -45.38 20.48 -55.79
CA ARG A 19 -43.94 20.74 -56.01
C ARG A 19 -43.35 19.58 -56.79
N THR A 20 -42.64 19.91 -57.87
CA THR A 20 -41.91 18.93 -58.72
C THR A 20 -40.85 18.26 -57.87
N GLN A 21 -40.65 16.96 -58.10
CA GLN A 21 -39.59 16.19 -57.43
C GLN A 21 -38.24 16.61 -58.02
N GLU A 22 -37.44 17.29 -57.22
CA GLU A 22 -36.03 17.65 -57.54
C GLU A 22 -35.23 16.38 -57.81
N ASP A 23 -34.23 16.45 -58.69
CA ASP A 23 -33.34 15.29 -59.00
C ASP A 23 -32.70 14.75 -57.70
N GLU A 24 -32.28 15.63 -56.80
CA GLU A 24 -31.60 15.26 -55.53
C GLU A 24 -32.60 14.49 -54.66
N TYR A 25 -33.89 14.86 -54.69
CA TYR A 25 -34.96 14.17 -53.93
C TYR A 25 -35.19 12.77 -54.50
N VAL A 26 -35.33 12.66 -55.82
CA VAL A 26 -35.58 11.34 -56.47
C VAL A 26 -34.40 10.41 -56.15
N ALA A 27 -33.17 10.94 -56.07
CA ALA A 27 -31.96 10.14 -55.76
C ALA A 27 -32.12 9.46 -54.40
N ILE A 28 -32.66 10.16 -53.41
CA ILE A 28 -32.88 9.64 -52.03
C ILE A 28 -33.93 8.52 -52.12
N LEU A 29 -35.04 8.80 -52.78
CA LEU A 29 -36.16 7.82 -52.91
C LEU A 29 -35.65 6.56 -53.60
N ASP A 30 -34.83 6.71 -54.65
CA ASP A 30 -34.28 5.56 -55.42
C ASP A 30 -33.36 4.75 -54.48
N ALA A 31 -32.47 5.43 -53.76
CA ALA A 31 -31.50 4.77 -52.86
C ALA A 31 -32.25 4.01 -51.75
N LEU A 32 -33.26 4.63 -51.14
CA LEU A 32 -34.11 4.00 -50.09
C LEU A 32 -34.77 2.72 -50.62
N GLU A 33 -35.34 2.78 -51.82
CA GLU A 33 -36.01 1.62 -52.44
C GLU A 33 -34.97 0.52 -52.67
N GLU A 34 -33.75 0.87 -53.08
CA GLU A 34 -32.66 -0.10 -53.33
C GLU A 34 -32.31 -0.79 -52.01
N TYR A 35 -32.22 -0.03 -50.93
CA TYR A 35 -31.89 -0.55 -49.58
C TYR A 35 -32.89 -1.65 -49.19
N HIS A 36 -34.18 -1.39 -49.38
CA HIS A 36 -35.25 -2.34 -48.99
C HIS A 36 -35.19 -3.59 -49.88
N ASN A 37 -34.31 -3.63 -50.89
CA ASN A 37 -34.19 -4.79 -51.82
C ASN A 37 -32.77 -5.35 -51.77
N MET A 38 -32.14 -5.36 -50.61
CA MET A 38 -30.71 -5.80 -50.46
C MET A 38 -30.64 -7.04 -49.54
N SER A 39 -31.63 -7.91 -49.61
CA SER A 39 -31.74 -9.11 -48.74
C SER A 39 -30.52 -10.03 -48.95
N GLU A 40 -29.98 -10.05 -50.17
CA GLU A 40 -28.84 -10.93 -50.57
C GLU A 40 -27.50 -10.34 -50.13
N ASN A 41 -27.46 -9.08 -49.70
CA ASN A 41 -26.19 -8.33 -49.52
C ASN A 41 -25.68 -8.51 -48.10
N THR A 42 -24.42 -8.15 -47.87
CA THR A 42 -23.76 -8.27 -46.55
C THR A 42 -24.23 -7.14 -45.63
N VAL A 43 -23.98 -7.29 -44.33
CA VAL A 43 -24.28 -6.23 -43.34
C VAL A 43 -23.49 -4.97 -43.70
N VAL A 44 -22.20 -5.09 -44.07
CA VAL A 44 -21.38 -3.89 -44.44
C VAL A 44 -21.98 -3.23 -45.67
N GLU A 45 -22.34 -4.00 -46.70
CA GLU A 45 -23.00 -3.48 -47.94
C GLU A 45 -24.26 -2.71 -47.53
N LYS A 46 -25.09 -3.25 -46.63
CA LYS A 46 -26.32 -2.58 -46.17
C LYS A 46 -25.98 -1.28 -45.44
N TYR A 47 -24.99 -1.30 -44.54
CA TYR A 47 -24.56 -0.06 -43.85
C TYR A 47 -24.11 0.98 -44.90
N LEU A 48 -23.30 0.58 -45.88
CA LEU A 48 -22.76 1.52 -46.92
C LEU A 48 -23.92 2.07 -47.75
N LYS A 49 -24.99 1.30 -47.95
CA LYS A 49 -26.21 1.83 -48.63
C LYS A 49 -26.86 2.90 -47.75
N LEU A 50 -27.05 2.63 -46.45
CA LEU A 50 -27.63 3.63 -45.51
C LEU A 50 -26.76 4.89 -45.52
N LYS A 51 -25.44 4.71 -45.52
CA LYS A 51 -24.47 5.84 -45.57
C LYS A 51 -24.75 6.68 -46.81
N ASP A 52 -24.88 6.01 -47.96
CA ASP A 52 -25.21 6.65 -49.27
C ASP A 52 -26.51 7.45 -49.15
N ILE A 53 -27.57 6.84 -48.61
CA ILE A 53 -28.90 7.50 -48.40
C ILE A 53 -28.72 8.73 -47.51
N ASN A 54 -27.94 8.61 -46.44
CA ASN A 54 -27.72 9.77 -45.54
C ASN A 54 -26.97 10.88 -46.30
N SER A 55 -25.95 10.52 -47.08
CA SER A 55 -25.16 11.48 -47.89
C SER A 55 -26.09 12.19 -48.90
N LEU A 56 -26.95 11.44 -49.61
CA LEU A 56 -27.88 12.02 -50.60
C LEU A 56 -28.87 12.97 -49.89
N THR A 57 -29.27 12.63 -48.67
CA THR A 57 -30.24 13.46 -47.87
C THR A 57 -29.54 14.76 -47.49
N ASP A 58 -28.30 14.69 -46.99
CA ASP A 58 -27.46 15.88 -46.65
C ASP A 58 -27.27 16.76 -47.89
N ILE A 59 -27.08 16.17 -49.08
CA ILE A 59 -26.89 16.96 -50.32
C ILE A 59 -28.18 17.74 -50.58
N TYR A 60 -29.35 17.08 -50.50
CA TYR A 60 -30.63 17.76 -50.71
C TYR A 60 -30.73 18.96 -49.75
N ILE A 61 -30.57 18.73 -48.44
CA ILE A 61 -30.75 19.76 -47.37
C ILE A 61 -29.77 20.91 -47.60
N ASP A 62 -28.51 20.61 -47.91
CA ASP A 62 -27.47 21.64 -48.16
C ASP A 62 -27.78 22.42 -49.46
N THR A 63 -28.41 21.78 -50.45
CA THR A 63 -28.64 22.41 -51.79
C THR A 63 -29.83 23.37 -51.68
N TYR A 64 -30.96 22.88 -51.13
CA TYR A 64 -32.25 23.60 -51.01
C TYR A 64 -32.44 24.02 -49.55
N LYS A 65 -31.73 25.06 -49.12
CA LYS A 65 -31.60 25.45 -47.69
C LYS A 65 -32.96 25.77 -47.07
N LYS A 66 -33.91 26.35 -47.82
CA LYS A 66 -35.22 26.79 -47.28
C LYS A 66 -36.33 25.79 -47.62
N SER A 67 -36.01 24.61 -48.17
CA SER A 67 -37.01 23.65 -48.72
C SER A 67 -38.02 23.26 -47.63
N GLY A 68 -39.30 23.13 -48.03
CA GLY A 68 -40.40 22.58 -47.24
C GLY A 68 -40.27 21.08 -46.99
N ARG A 69 -39.41 20.39 -47.74
CA ARG A 69 -39.12 18.95 -47.50
C ARG A 69 -38.16 18.77 -46.30
N ASN A 70 -37.41 19.80 -45.91
CA ASN A 70 -36.23 19.66 -45.01
C ASN A 70 -36.62 19.10 -43.64
N LYS A 71 -37.72 19.54 -43.07
CA LYS A 71 -38.16 19.07 -41.73
C LYS A 71 -38.33 17.54 -41.78
N ALA A 72 -39.06 17.03 -42.78
CA ALA A 72 -39.34 15.59 -42.90
C ALA A 72 -38.02 14.83 -43.19
N LEU A 73 -37.12 15.40 -43.99
CA LEU A 73 -35.81 14.80 -44.33
C LEU A 73 -34.93 14.71 -43.08
N LYS A 74 -34.96 15.72 -42.20
CA LYS A 74 -34.20 15.67 -40.91
C LYS A 74 -34.80 14.59 -39.99
N LYS A 75 -36.12 14.39 -40.02
CA LYS A 75 -36.74 13.24 -39.29
C LYS A 75 -36.26 11.91 -39.89
N PHE A 76 -36.22 11.82 -41.21
CA PHE A 76 -35.76 10.60 -41.93
C PHE A 76 -34.32 10.27 -41.51
N LYS A 77 -33.47 11.28 -41.37
CA LYS A 77 -32.07 11.11 -40.89
C LYS A 77 -32.06 10.41 -39.52
N GLU A 78 -32.99 10.75 -38.62
CA GLU A 78 -33.11 10.07 -37.30
C GLU A 78 -33.48 8.61 -37.52
N TYR A 79 -34.40 8.33 -38.44
CA TYR A 79 -34.82 6.94 -38.78
C TYR A 79 -33.64 6.12 -39.30
N LEU A 80 -32.74 6.75 -40.06
CA LEU A 80 -31.54 6.06 -40.58
C LEU A 80 -30.65 5.60 -39.41
N VAL A 81 -30.44 6.45 -38.41
CA VAL A 81 -29.61 6.10 -37.21
C VAL A 81 -30.25 4.88 -36.53
N THR A 82 -31.55 4.94 -36.26
CA THR A 82 -32.32 3.84 -35.62
C THR A 82 -32.15 2.56 -36.43
N GLU A 83 -32.19 2.67 -37.77
CA GLU A 83 -32.09 1.49 -38.64
C GLU A 83 -30.67 0.90 -38.57
N VAL A 84 -29.62 1.72 -38.46
CA VAL A 84 -28.22 1.21 -38.27
C VAL A 84 -28.14 0.35 -37.00
N LEU A 85 -28.75 0.85 -35.92
CA LEU A 85 -28.79 0.15 -34.60
C LEU A 85 -29.55 -1.17 -34.76
N GLU A 86 -30.64 -1.20 -35.53
CA GLU A 86 -31.41 -2.44 -35.74
C GLU A 86 -30.58 -3.41 -36.58
N LEU A 87 -29.94 -2.92 -37.63
CA LEU A 87 -29.01 -3.74 -38.48
C LEU A 87 -27.89 -4.32 -37.59
N LYS A 88 -27.31 -3.50 -36.71
CA LYS A 88 -26.22 -3.92 -35.78
C LYS A 88 -26.72 -5.02 -34.83
N ASN A 89 -27.87 -4.83 -34.19
CA ASN A 89 -28.37 -5.68 -33.09
C ASN A 89 -28.96 -6.99 -33.62
N ASN A 90 -29.42 -7.03 -34.88
CA ASN A 90 -30.24 -8.14 -35.44
C ASN A 90 -29.43 -9.09 -36.31
N ASN A 91 -28.20 -8.75 -36.71
CA ASN A 91 -27.41 -9.60 -37.64
C ASN A 91 -26.05 -9.89 -37.02
N LEU A 92 -25.96 -10.94 -36.19
CA LEU A 92 -24.73 -11.27 -35.44
C LEU A 92 -23.99 -12.41 -36.15
N THR A 93 -22.66 -12.37 -36.16
CA THR A 93 -21.79 -13.47 -36.66
C THR A 93 -20.92 -13.92 -35.49
N PRO A 94 -20.39 -15.15 -35.50
CA PRO A 94 -19.52 -15.62 -34.41
C PRO A 94 -18.21 -14.84 -34.29
N VAL A 95 -17.84 -14.54 -33.05
CA VAL A 95 -16.51 -13.98 -32.67
C VAL A 95 -15.51 -15.15 -32.65
N GLU A 96 -14.43 -15.00 -33.39
CA GLU A 96 -13.25 -15.89 -33.39
C GLU A 96 -12.83 -16.12 -31.92
N LYS A 97 -12.60 -17.38 -31.56
CA LYS A 97 -12.22 -17.77 -30.17
C LYS A 97 -10.74 -17.49 -29.95
N ASN A 98 -10.38 -16.21 -29.97
CA ASN A 98 -9.03 -15.68 -29.65
C ASN A 98 -9.12 -14.71 -28.48
N LEU A 99 -8.31 -14.93 -27.44
CA LEU A 99 -8.00 -13.93 -26.39
C LEU A 99 -6.68 -13.27 -26.77
N HIS A 100 -6.70 -11.94 -26.85
CA HIS A 100 -5.49 -11.12 -27.08
C HIS A 100 -5.16 -10.34 -25.79
N PHE A 101 -3.92 -10.52 -25.32
CA PHE A 101 -3.26 -9.67 -24.32
C PHE A 101 -2.05 -9.03 -24.99
N VAL A 102 -1.59 -7.91 -24.45
CA VAL A 102 -0.36 -7.21 -24.89
C VAL A 102 0.55 -7.00 -23.67
N TRP A 103 1.78 -7.49 -23.73
CA TRP A 103 2.83 -7.07 -22.77
C TRP A 103 4.10 -6.76 -23.55
N ILE A 104 4.36 -5.47 -23.71
CA ILE A 104 5.50 -4.93 -24.51
C ILE A 104 6.38 -4.07 -23.61
N GLY A 105 7.69 -4.06 -23.93
CA GLY A 105 8.66 -3.10 -23.39
C GLY A 105 9.55 -3.70 -22.31
N GLY A 106 9.29 -4.93 -21.91
CA GLY A 106 10.09 -5.59 -20.86
C GLY A 106 9.56 -6.94 -20.54
N GLN A 107 10.24 -7.64 -19.64
CA GLN A 107 9.86 -9.01 -19.21
C GLN A 107 8.46 -8.95 -18.61
N ILE A 108 7.68 -10.00 -18.84
CA ILE A 108 6.33 -10.14 -18.26
C ILE A 108 6.45 -10.67 -16.83
N ASN A 109 5.72 -10.05 -15.90
CA ASN A 109 5.70 -10.37 -14.44
C ASN A 109 4.83 -11.60 -14.22
N ASP A 110 5.12 -12.39 -13.18
CA ASP A 110 4.28 -13.54 -12.76
C ASP A 110 2.84 -13.07 -12.49
N THR A 111 2.64 -11.82 -12.04
CA THR A 111 1.28 -11.30 -11.73
C THR A 111 0.41 -11.28 -13.00
N ALA A 112 0.98 -10.81 -14.11
CA ALA A 112 0.32 -10.78 -15.42
C ALA A 112 -0.03 -12.22 -15.85
N ILE A 113 0.95 -13.12 -15.77
CA ILE A 113 0.77 -14.55 -16.15
C ILE A 113 -0.31 -15.16 -15.26
N ASN A 114 -0.31 -14.87 -13.95
CA ASN A 114 -1.31 -15.46 -13.03
C ASN A 114 -2.72 -15.00 -13.42
N TYR A 115 -2.90 -13.76 -13.87
CA TYR A 115 -4.23 -13.24 -14.30
C TYR A 115 -4.62 -13.91 -15.63
N ILE A 116 -3.69 -13.93 -16.59
CA ILE A 116 -3.87 -14.59 -17.92
C ILE A 116 -4.28 -16.05 -17.72
N ASN A 117 -3.61 -16.77 -16.82
CA ASN A 117 -3.89 -18.21 -16.57
C ASN A 117 -5.33 -18.41 -16.08
N GLN A 118 -5.93 -17.46 -15.37
CA GLN A 118 -7.35 -17.62 -14.93
C GLN A 118 -8.25 -17.70 -16.18
N TRP A 119 -7.99 -16.85 -17.18
CA TRP A 119 -8.72 -16.86 -18.48
C TRP A 119 -8.50 -18.21 -19.20
N LYS A 120 -7.26 -18.68 -19.30
CA LYS A 120 -6.95 -19.97 -19.97
C LYS A 120 -7.72 -21.09 -19.28
N ASP A 121 -7.70 -21.13 -17.94
CA ASP A 121 -8.29 -22.23 -17.15
C ASP A 121 -9.79 -22.35 -17.45
N VAL A 122 -10.52 -21.25 -17.65
CA VAL A 122 -12.01 -21.37 -17.83
C VAL A 122 -12.40 -21.07 -19.29
N ASN A 123 -11.42 -20.98 -20.20
CA ASN A 123 -11.66 -20.84 -21.65
C ASN A 123 -10.74 -21.80 -22.42
N SER A 124 -10.83 -23.10 -22.11
CA SER A 124 -10.06 -24.19 -22.79
C SER A 124 -10.31 -24.13 -24.30
N ASP A 125 -11.48 -23.68 -24.73
CA ASP A 125 -11.90 -23.60 -26.16
C ASP A 125 -11.31 -22.37 -26.85
N TYR A 126 -10.53 -21.51 -26.17
CA TYR A 126 -10.01 -20.24 -26.76
C TYR A 126 -8.51 -20.34 -27.00
N ASN A 127 -8.06 -19.91 -28.16
CA ASN A 127 -6.64 -19.69 -28.48
C ASN A 127 -6.22 -18.39 -27.78
N VAL A 128 -5.06 -18.39 -27.12
CA VAL A 128 -4.57 -17.18 -26.40
C VAL A 128 -3.32 -16.66 -27.10
N ASN A 129 -3.29 -15.36 -27.37
CA ASN A 129 -2.10 -14.62 -27.83
C ASN A 129 -1.70 -13.64 -26.72
N VAL A 130 -0.45 -13.76 -26.24
CA VAL A 130 0.17 -12.65 -25.46
C VAL A 130 1.18 -11.95 -26.37
N PHE A 131 0.77 -10.84 -26.99
CA PHE A 131 1.60 -10.05 -27.93
C PHE A 131 2.74 -9.43 -27.13
N TYR A 132 3.94 -9.62 -27.65
CA TYR A 132 5.18 -8.97 -27.15
C TYR A 132 5.95 -8.48 -28.36
N ASP A 133 6.96 -7.66 -28.12
CA ASP A 133 7.85 -7.14 -29.18
C ASP A 133 9.25 -7.66 -28.85
N SER A 134 9.70 -8.65 -29.63
CA SER A 134 11.02 -9.33 -29.49
C SER A 134 12.17 -8.33 -29.72
N ASN A 135 11.90 -7.16 -30.30
CA ASN A 135 12.91 -6.12 -30.55
C ASN A 135 13.02 -5.10 -29.40
N ALA A 136 12.07 -5.01 -28.48
CA ALA A 136 12.01 -3.86 -27.54
C ALA A 136 11.81 -4.31 -26.09
N PHE A 137 12.47 -5.38 -25.64
CA PHE A 137 12.44 -5.86 -24.23
C PHE A 137 13.12 -4.87 -23.26
N LEU A 138 13.88 -3.87 -23.73
CA LEU A 138 14.70 -2.99 -22.84
C LEU A 138 14.11 -1.58 -22.68
N ILE A 139 12.92 -1.31 -23.24
CA ILE A 139 12.32 0.06 -23.18
C ILE A 139 12.00 0.42 -21.71
N ASN A 140 11.40 -0.50 -20.95
CA ASN A 140 11.02 -0.28 -19.53
C ASN A 140 12.32 0.05 -18.76
N THR A 141 13.42 -0.68 -19.04
CA THR A 141 14.76 -0.45 -18.44
C THR A 141 15.30 0.94 -18.82
N LEU A 142 15.19 1.34 -20.09
CA LEU A 142 15.64 2.68 -20.54
C LEU A 142 14.88 3.75 -19.74
N LYS A 143 13.55 3.64 -19.68
CA LYS A 143 12.71 4.68 -19.04
C LYS A 143 13.09 4.78 -17.55
N LYS A 144 13.20 3.65 -16.86
CA LYS A 144 13.50 3.58 -15.41
C LYS A 144 14.86 4.26 -15.17
N THR A 145 15.86 3.90 -15.98
CA THR A 145 17.24 4.46 -15.90
C THR A 145 17.18 5.97 -15.99
N VAL A 146 16.52 6.48 -17.02
CA VAL A 146 16.48 7.92 -17.33
C VAL A 146 15.74 8.67 -16.20
N VAL A 147 14.64 8.10 -15.71
CA VAL A 147 13.80 8.81 -14.70
C VAL A 147 14.60 8.86 -13.38
N GLU A 148 15.23 7.76 -13.00
CA GLU A 148 16.06 7.64 -11.78
C GLU A 148 17.21 8.65 -11.86
N SER A 149 17.87 8.73 -13.03
CA SER A 149 18.94 9.73 -13.28
C SER A 149 18.37 11.13 -13.07
N ALA A 150 17.16 11.43 -13.58
CA ALA A 150 16.59 12.79 -13.55
C ALA A 150 16.15 13.12 -12.11
N ILE A 151 15.72 12.10 -11.36
CA ILE A 151 15.38 12.23 -9.91
C ILE A 151 16.62 12.67 -9.14
N ASN A 152 17.72 11.91 -9.30
CA ASN A 152 19.03 12.19 -8.65
C ASN A 152 19.51 13.60 -9.00
N ASP A 153 19.46 13.97 -10.27
CA ASP A 153 19.97 15.28 -10.76
C ASP A 153 19.09 16.40 -10.18
N THR A 154 17.78 16.19 -10.05
CA THR A 154 16.87 17.22 -9.49
C THR A 154 17.14 17.39 -7.98
N LEU A 155 17.24 16.29 -7.25
CA LEU A 155 17.46 16.32 -5.78
C LEU A 155 18.80 17.00 -5.51
N GLU A 156 19.84 16.61 -6.27
CA GLU A 156 21.18 17.23 -6.20
C GLU A 156 21.03 18.74 -6.41
N SER A 157 20.45 19.15 -7.54
CA SER A 157 20.43 20.57 -8.00
C SER A 157 19.68 21.44 -6.99
N PHE A 158 18.66 20.90 -6.32
CA PHE A 158 17.77 21.67 -5.41
C PHE A 158 17.95 21.18 -3.97
N ARG A 159 19.11 20.60 -3.65
CA ARG A 159 19.43 20.09 -2.29
C ARG A 159 19.07 21.15 -1.23
N GLU A 160 19.51 22.39 -1.45
CA GLU A 160 19.34 23.53 -0.51
C GLU A 160 17.86 23.81 -0.25
N ASN A 161 16.98 23.48 -1.19
CA ASN A 161 15.52 23.83 -1.14
C ASN A 161 14.70 22.65 -0.60
N LEU A 162 15.28 21.48 -0.33
CA LEU A 162 14.51 20.21 -0.15
C LEU A 162 13.79 20.22 1.22
N ASN A 163 14.37 20.88 2.22
CA ASN A 163 13.79 21.02 3.58
C ASN A 163 12.77 22.17 3.60
N ASP A 164 12.66 22.96 2.52
CA ASP A 164 11.70 24.09 2.35
C ASP A 164 10.36 23.55 1.86
N PRO A 165 9.25 23.69 2.63
CA PRO A 165 7.95 23.15 2.23
C PRO A 165 7.38 23.81 0.96
N ARG A 166 7.85 25.00 0.57
CA ARG A 166 7.40 25.71 -0.66
C ARG A 166 8.01 25.05 -1.90
N PHE A 167 9.09 24.27 -1.75
CA PHE A 167 9.59 23.34 -2.80
C PHE A 167 8.79 22.05 -2.67
N ASP A 168 7.54 22.03 -3.16
CA ASP A 168 6.56 20.93 -2.97
C ASP A 168 6.70 19.92 -4.11
N TYR A 169 5.91 18.84 -4.07
CA TYR A 169 5.90 17.75 -5.07
C TYR A 169 5.72 18.33 -6.48
N ASN A 170 4.88 19.36 -6.65
CA ASN A 170 4.58 19.96 -7.99
C ASN A 170 5.85 20.58 -8.54
N LYS A 171 6.54 21.41 -7.76
CA LYS A 171 7.82 22.06 -8.16
C LYS A 171 8.87 21.00 -8.48
N PHE A 172 8.95 19.92 -7.70
CA PHE A 172 9.89 18.79 -7.92
C PHE A 172 9.65 18.12 -9.28
N PHE A 173 8.39 17.81 -9.61
CA PHE A 173 8.07 17.13 -10.89
C PHE A 173 8.31 18.08 -12.07
N ARG A 174 8.09 19.39 -11.92
CA ARG A 174 8.33 20.43 -12.96
C ARG A 174 9.82 20.45 -13.31
N LYS A 175 10.68 20.56 -12.30
CA LYS A 175 12.16 20.61 -12.49
C LYS A 175 12.65 19.26 -13.03
N ARG A 176 12.10 18.14 -12.54
CA ARG A 176 12.52 16.79 -13.01
C ARG A 176 12.18 16.62 -14.50
N MET A 177 11.05 17.18 -14.93
CA MET A 177 10.54 17.06 -16.32
C MET A 177 11.53 17.75 -17.25
N GLU A 178 12.04 18.94 -16.87
CA GLU A 178 13.09 19.69 -17.63
C GLU A 178 14.25 18.74 -17.95
N ILE A 179 14.68 17.95 -16.97
CA ILE A 179 15.85 17.05 -17.12
C ILE A 179 15.44 15.81 -17.91
N ILE A 180 14.24 15.28 -17.66
CA ILE A 180 13.74 14.08 -18.39
C ILE A 180 13.66 14.43 -19.88
N TYR A 181 13.12 15.60 -20.22
CA TYR A 181 12.91 16.02 -21.62
C TYR A 181 14.27 16.11 -22.32
N ASP A 182 15.27 16.69 -21.67
CA ASP A 182 16.65 16.80 -22.24
C ASP A 182 17.22 15.40 -22.45
N LYS A 183 16.94 14.44 -21.57
CA LYS A 183 17.48 13.05 -21.69
C LYS A 183 16.72 12.31 -22.80
N GLN A 184 15.42 12.53 -22.93
CA GLN A 184 14.58 11.96 -24.02
C GLN A 184 15.01 12.58 -25.36
N LYS A 185 15.25 13.89 -25.39
CA LYS A 185 15.73 14.61 -26.60
C LYS A 185 17.11 14.07 -26.98
N ASN A 186 17.99 13.90 -26.00
CA ASN A 186 19.34 13.31 -26.22
C ASN A 186 19.19 11.92 -26.83
N PHE A 187 18.31 11.08 -26.29
CA PHE A 187 18.07 9.69 -26.79
C PHE A 187 17.52 9.72 -28.23
N ILE A 188 16.51 10.53 -28.53
CA ILE A 188 15.83 10.53 -29.86
C ILE A 188 16.78 11.16 -30.91
N ASN A 189 17.54 12.22 -30.54
CA ASN A 189 18.57 12.85 -31.42
C ASN A 189 19.65 11.79 -31.70
N TYR A 190 20.01 10.97 -30.70
CA TYR A 190 20.89 9.79 -30.88
C TYR A 190 20.24 8.76 -31.79
N TYR A 191 18.99 8.34 -31.49
CA TYR A 191 18.26 7.26 -32.22
C TYR A 191 18.28 7.53 -33.72
N LYS A 192 17.87 8.75 -34.09
CA LYS A 192 17.67 9.19 -35.51
C LYS A 192 19.02 9.52 -36.17
N ALA A 193 20.04 9.94 -35.40
CA ALA A 193 21.44 9.99 -35.90
C ALA A 193 21.87 8.56 -36.27
N GLN A 194 21.71 7.58 -35.36
CA GLN A 194 22.14 6.18 -35.58
C GLN A 194 21.37 5.59 -36.78
N ARG A 195 20.04 5.83 -36.88
CA ARG A 195 19.25 5.54 -38.11
C ARG A 195 19.88 6.27 -39.32
N GLU A 196 20.35 5.47 -40.29
CA GLU A 196 21.31 5.90 -41.35
C GLU A 196 22.73 5.48 -40.92
N GLU A 197 22.89 4.31 -40.28
CA GLU A 197 24.23 3.66 -40.13
C GLU A 197 24.07 2.15 -40.41
N ASN A 198 23.14 1.51 -39.73
CA ASN A 198 22.85 0.04 -39.85
C ASN A 198 21.40 -0.13 -39.42
N PRO A 199 20.41 0.30 -40.23
CA PRO A 199 19.01 -0.11 -40.04
C PRO A 199 18.69 -1.60 -39.85
N GLU A 200 19.64 -2.54 -40.01
CA GLU A 200 19.50 -3.96 -39.58
C GLU A 200 19.89 -4.15 -38.09
N LEU A 201 19.93 -3.09 -37.26
CA LEU A 201 20.03 -3.14 -35.76
C LEU A 201 18.61 -3.06 -35.19
N ILE A 202 18.26 -3.96 -34.26
CA ILE A 202 16.93 -3.97 -33.57
C ILE A 202 16.96 -2.96 -32.42
N ILE A 203 15.79 -2.54 -31.94
CA ILE A 203 15.65 -1.45 -30.91
C ILE A 203 16.57 -1.77 -29.73
N ASP A 204 16.53 -3.01 -29.22
CA ASP A 204 17.29 -3.47 -28.04
C ASP A 204 18.80 -3.27 -28.26
N ASP A 205 19.28 -3.43 -29.49
CA ASP A 205 20.71 -3.21 -29.85
C ASP A 205 21.07 -1.74 -29.62
N ILE A 206 20.28 -0.81 -30.14
CA ILE A 206 20.60 0.65 -30.00
C ILE A 206 20.43 1.05 -28.52
N VAL A 207 19.43 0.50 -27.83
CA VAL A 207 19.17 0.82 -26.38
C VAL A 207 20.33 0.31 -25.53
N LYS A 208 20.85 -0.90 -25.76
CA LYS A 208 22.04 -1.45 -25.04
C LYS A 208 23.26 -0.53 -25.18
N THR A 209 23.47 0.15 -26.32
CA THR A 209 24.65 1.05 -26.51
C THR A 209 24.42 2.34 -25.74
N TYR A 210 23.19 2.87 -25.70
CA TYR A 210 22.87 4.06 -24.87
C TYR A 210 23.08 3.74 -23.39
N LEU A 211 22.59 2.59 -22.94
CA LEU A 211 22.60 2.14 -21.51
C LEU A 211 24.03 1.86 -21.04
N SER A 212 24.76 1.04 -21.81
CA SER A 212 26.12 0.55 -21.51
C SER A 212 27.13 1.50 -22.15
N ASN A 213 26.68 2.65 -22.67
CA ASN A 213 27.51 3.87 -22.79
C ASN A 213 27.34 4.58 -21.46
N GLU A 214 26.21 5.29 -21.33
CA GLU A 214 26.12 6.52 -20.50
C GLU A 214 25.50 6.25 -19.13
N TYR A 215 25.20 4.99 -18.82
CA TYR A 215 24.69 4.57 -17.49
C TYR A 215 25.41 3.28 -17.09
N SER A 216 26.44 2.87 -17.85
CA SER A 216 27.48 1.89 -17.44
C SER A 216 26.86 0.53 -17.12
N LYS A 217 25.82 0.13 -17.85
CA LYS A 217 25.12 -1.15 -17.60
C LYS A 217 25.91 -2.31 -18.22
N GLU A 218 25.84 -3.48 -17.59
CA GLU A 218 26.54 -4.73 -18.01
C GLU A 218 25.73 -5.43 -19.12
N ILE A 219 26.27 -5.45 -20.34
CA ILE A 219 25.60 -6.07 -21.51
C ILE A 219 25.46 -7.58 -21.26
N ASP A 220 26.35 -8.21 -20.50
CA ASP A 220 26.19 -9.62 -20.06
C ASP A 220 24.77 -9.82 -19.48
N GLU A 221 24.42 -8.97 -18.51
CA GLU A 221 23.18 -9.10 -17.70
C GLU A 221 21.99 -8.63 -18.55
N LEU A 222 22.19 -7.63 -19.42
CA LEU A 222 21.13 -7.15 -20.36
C LEU A 222 20.78 -8.27 -21.35
N ASN A 223 21.79 -8.99 -21.86
CA ASN A 223 21.57 -10.11 -22.80
C ASN A 223 20.82 -11.21 -22.07
N THR A 224 21.24 -11.57 -20.86
CA THR A 224 20.52 -12.55 -19.98
C THR A 224 19.05 -12.12 -19.85
N TYR A 225 18.79 -10.84 -19.55
CA TYR A 225 17.43 -10.29 -19.34
C TYR A 225 16.59 -10.51 -20.62
N ILE A 226 17.12 -10.13 -21.78
CA ILE A 226 16.43 -10.35 -23.08
C ILE A 226 16.11 -11.85 -23.23
N GLU A 227 17.09 -12.71 -23.01
CA GLU A 227 16.96 -14.17 -23.25
C GLU A 227 15.90 -14.75 -22.31
N GLU A 228 15.88 -14.34 -21.04
CA GLU A 228 14.91 -14.82 -20.04
C GLU A 228 13.51 -14.28 -20.39
N SER A 229 13.41 -13.05 -20.90
CA SER A 229 12.16 -12.39 -21.33
C SER A 229 11.54 -13.15 -22.51
N LEU A 230 12.36 -13.42 -23.54
CA LEU A 230 11.98 -14.20 -24.75
C LEU A 230 11.54 -15.62 -24.32
N ASN A 231 12.30 -16.24 -23.43
CA ASN A 231 12.05 -17.64 -22.98
C ASN A 231 10.71 -17.70 -22.25
N LYS A 232 10.47 -16.74 -21.36
CA LYS A 232 9.29 -16.68 -20.47
C LYS A 232 8.02 -16.42 -21.30
N ILE A 233 8.07 -15.47 -22.22
CA ILE A 233 6.87 -15.12 -23.03
C ILE A 233 6.57 -16.28 -24.00
N THR A 234 7.60 -16.86 -24.61
CA THR A 234 7.49 -18.04 -25.52
C THR A 234 6.78 -19.19 -24.80
N GLN A 235 6.99 -19.32 -23.50
CA GLN A 235 6.38 -20.35 -22.62
C GLN A 235 4.94 -19.98 -22.25
N ASN A 236 4.49 -18.77 -22.57
CA ASN A 236 3.19 -18.22 -22.10
C ASN A 236 2.45 -17.61 -23.29
N SER A 237 2.29 -18.39 -24.36
CA SER A 237 1.43 -18.07 -25.53
C SER A 237 1.93 -16.84 -26.26
N GLY A 238 3.25 -16.58 -26.16
CA GLY A 238 3.89 -15.44 -26.82
C GLY A 238 3.53 -15.35 -28.30
N ASN A 239 3.22 -14.14 -28.76
CA ASN A 239 2.99 -13.84 -30.20
C ASN A 239 3.74 -12.55 -30.51
N ASP A 240 4.77 -12.63 -31.36
CA ASP A 240 5.72 -11.52 -31.64
C ASP A 240 5.08 -10.55 -32.63
N VAL A 241 5.01 -9.28 -32.21
CA VAL A 241 4.64 -8.10 -33.05
C VAL A 241 5.48 -8.12 -34.34
N ARG A 242 6.74 -8.55 -34.24
CA ARG A 242 7.69 -8.48 -35.39
C ARG A 242 7.34 -9.54 -36.43
N ASN A 243 6.42 -10.47 -36.16
CA ASN A 243 5.93 -11.47 -37.16
C ASN A 243 4.52 -11.08 -37.67
N PHE A 244 3.95 -9.99 -37.18
CA PHE A 244 2.56 -9.54 -37.49
C PHE A 244 2.66 -8.56 -38.67
N GLU A 245 2.64 -9.13 -39.89
CA GLU A 245 3.07 -8.41 -41.11
C GLU A 245 2.10 -7.28 -41.46
N GLU A 246 0.80 -7.50 -41.35
CA GLU A 246 -0.23 -6.48 -41.72
C GLU A 246 -0.07 -5.27 -40.80
N PHE A 247 0.26 -5.49 -39.52
CA PHE A 247 0.48 -4.37 -38.57
C PHE A 247 1.77 -3.63 -38.96
N LYS A 248 2.87 -4.37 -39.19
CA LYS A 248 4.19 -3.77 -39.56
C LYS A 248 4.06 -2.96 -40.84
N ASN A 249 3.25 -3.44 -41.80
CA ASN A 249 3.10 -2.79 -43.14
C ASN A 249 2.13 -1.63 -43.09
N GLY A 250 1.28 -1.53 -42.05
CA GLY A 250 0.14 -0.59 -42.01
C GLY A 250 0.54 0.80 -41.55
N GLU A 251 -0.35 1.78 -41.73
CA GLU A 251 -0.03 3.22 -41.52
C GLU A 251 -0.11 3.58 -40.02
N SER A 252 -0.35 2.62 -39.14
CA SER A 252 -0.35 2.85 -37.67
C SER A 252 0.98 2.39 -37.06
N PHE A 253 1.84 1.67 -37.81
CA PHE A 253 3.05 1.06 -37.22
C PHE A 253 4.02 2.16 -36.76
N ASN A 254 4.10 3.26 -37.53
CA ASN A 254 4.94 4.45 -37.19
C ASN A 254 4.45 5.07 -35.87
N LEU A 255 3.15 5.03 -35.62
CA LEU A 255 2.56 5.56 -34.37
C LEU A 255 2.94 4.65 -33.20
N TYR A 256 2.87 3.34 -33.39
CA TYR A 256 3.26 2.33 -32.38
C TYR A 256 4.71 2.61 -31.96
N GLU A 257 5.59 2.77 -32.96
CA GLU A 257 7.06 2.92 -32.78
C GLU A 257 7.35 4.30 -32.18
N GLN A 258 6.57 5.32 -32.50
CA GLN A 258 6.64 6.66 -31.86
C GLN A 258 6.43 6.48 -30.34
N GLU A 259 5.37 5.77 -29.94
CA GLU A 259 5.02 5.64 -28.51
C GLU A 259 6.06 4.77 -27.80
N LEU A 260 6.47 3.68 -28.45
CA LEU A 260 7.40 2.68 -27.91
C LEU A 260 8.79 3.32 -27.71
N VAL A 261 9.32 4.02 -28.72
CA VAL A 261 10.76 4.40 -28.81
C VAL A 261 10.99 5.86 -28.41
N GLU A 262 10.10 6.78 -28.79
CA GLU A 262 10.28 8.23 -28.51
C GLU A 262 9.70 8.59 -27.15
N ARG A 263 8.50 8.10 -26.83
CA ARG A 263 7.71 8.60 -25.67
C ARG A 263 7.79 7.62 -24.51
N TRP A 264 8.16 6.37 -24.78
CA TRP A 264 8.26 5.26 -23.80
C TRP A 264 6.90 5.06 -23.10
N ASN A 265 5.81 5.23 -23.86
CA ASN A 265 4.42 5.02 -23.38
C ASN A 265 3.93 3.67 -23.89
N LEU A 266 4.07 2.62 -23.08
CA LEU A 266 3.72 1.24 -23.46
C LEU A 266 2.19 1.10 -23.45
N ALA A 267 1.47 1.92 -22.69
CA ALA A 267 -0.01 1.91 -22.70
C ALA A 267 -0.49 2.39 -24.08
N ALA A 268 0.04 3.51 -24.57
CA ALA A 268 -0.30 4.08 -25.90
C ALA A 268 0.06 3.06 -27.01
N ALA A 269 1.25 2.45 -26.92
CA ALA A 269 1.71 1.46 -27.92
C ALA A 269 0.74 0.27 -27.92
N SER A 270 0.33 -0.20 -26.74
CA SER A 270 -0.64 -1.30 -26.58
CA SER A 270 -0.64 -1.30 -26.59
C SER A 270 -2.00 -0.86 -27.16
N ASP A 271 -2.41 0.40 -26.98
CA ASP A 271 -3.66 0.95 -27.55
C ASP A 271 -3.67 0.79 -29.09
N ILE A 272 -2.54 1.08 -29.73
CA ILE A 272 -2.41 1.11 -31.22
C ILE A 272 -2.39 -0.33 -31.73
N LEU A 273 -1.62 -1.18 -31.05
CA LEU A 273 -1.49 -2.61 -31.41
C LEU A 273 -2.80 -3.37 -31.18
N ARG A 274 -3.53 -3.12 -30.08
CA ARG A 274 -4.66 -4.04 -29.71
C ARG A 274 -5.75 -3.97 -30.79
N ILE A 275 -6.03 -2.79 -31.31
CA ILE A 275 -7.14 -2.59 -32.28
C ILE A 275 -6.71 -3.20 -33.63
N SER A 276 -5.42 -3.15 -34.00
CA SER A 276 -4.93 -3.84 -35.22
C SER A 276 -5.05 -5.35 -35.04
N ALA A 277 -4.74 -5.91 -33.86
CA ALA A 277 -4.93 -7.35 -33.57
C ALA A 277 -6.42 -7.72 -33.76
N LEU A 278 -7.35 -6.93 -33.25
CA LEU A 278 -8.80 -7.25 -33.40
C LEU A 278 -9.20 -7.21 -34.88
N LYS A 279 -8.82 -6.15 -35.58
CA LYS A 279 -9.17 -5.93 -37.02
C LYS A 279 -8.66 -7.12 -37.83
N GLU A 280 -7.44 -7.58 -37.56
CA GLU A 280 -6.73 -8.55 -38.42
C GLU A 280 -7.10 -9.98 -38.03
N ILE A 281 -7.47 -10.24 -36.78
CA ILE A 281 -7.60 -11.65 -36.28
C ILE A 281 -9.00 -11.90 -35.75
N GLY A 282 -9.61 -10.89 -35.11
CA GLY A 282 -10.88 -11.05 -34.38
C GLY A 282 -10.65 -11.66 -33.01
N GLY A 283 -11.63 -11.45 -32.14
CA GLY A 283 -11.71 -12.11 -30.82
C GLY A 283 -11.97 -11.08 -29.73
N MET A 284 -11.35 -11.29 -28.59
CA MET A 284 -11.51 -10.41 -27.40
C MET A 284 -10.13 -9.97 -26.91
N TYR A 285 -9.93 -8.67 -26.79
CA TYR A 285 -8.72 -8.06 -26.20
C TYR A 285 -8.95 -7.86 -24.70
N LEU A 286 -7.94 -8.12 -23.88
CA LEU A 286 -7.99 -7.84 -22.41
C LEU A 286 -6.67 -7.24 -21.95
N ASP A 287 -6.74 -6.19 -21.13
CA ASP A 287 -5.59 -5.73 -20.32
C ASP A 287 -5.20 -6.88 -19.39
N VAL A 288 -3.91 -7.00 -19.09
CA VAL A 288 -3.34 -8.08 -18.23
C VAL A 288 -3.84 -7.92 -16.79
N ASP A 289 -4.51 -6.80 -16.44
CA ASP A 289 -5.05 -6.56 -15.08
C ASP A 289 -6.53 -6.95 -15.02
N MET A 290 -7.09 -7.55 -16.08
CA MET A 290 -8.51 -7.99 -16.10
C MET A 290 -8.61 -9.47 -15.71
N LEU A 291 -9.67 -9.82 -14.98
CA LEU A 291 -9.96 -11.23 -14.63
C LEU A 291 -11.30 -11.65 -15.22
N PRO A 292 -11.53 -12.97 -15.42
CA PRO A 292 -12.83 -13.47 -15.85
C PRO A 292 -13.98 -13.00 -14.97
N GLY A 293 -15.17 -12.90 -15.56
CA GLY A 293 -16.39 -12.58 -14.82
C GLY A 293 -16.62 -13.62 -13.75
N ILE A 294 -17.14 -13.21 -12.60
CA ILE A 294 -17.58 -14.14 -11.52
C ILE A 294 -18.95 -14.66 -11.90
N GLN A 295 -19.20 -15.96 -11.72
CA GLN A 295 -20.54 -16.58 -11.86
C GLN A 295 -21.54 -15.66 -11.18
N PRO A 296 -22.55 -15.15 -11.91
CA PRO A 296 -23.37 -14.04 -11.42
C PRO A 296 -24.07 -14.29 -10.07
N ASP A 297 -24.36 -15.53 -9.73
CA ASP A 297 -25.17 -15.84 -8.51
C ASP A 297 -24.23 -16.27 -7.37
N LEU A 298 -22.91 -16.37 -7.59
CA LEU A 298 -21.96 -16.94 -6.60
C LEU A 298 -22.24 -16.37 -5.19
N PHE A 299 -22.43 -15.06 -5.09
CA PHE A 299 -22.53 -14.32 -3.80
C PHE A 299 -23.90 -13.65 -3.67
N GLU A 300 -24.88 -14.11 -4.45
CA GLU A 300 -26.30 -13.65 -4.43
C GLU A 300 -26.81 -13.68 -2.98
N SER A 301 -26.47 -14.71 -2.21
CA SER A 301 -26.95 -14.94 -0.80
C SER A 301 -26.36 -13.92 0.18
N ILE A 302 -25.29 -13.20 -0.18
CA ILE A 302 -24.64 -12.19 0.71
C ILE A 302 -24.99 -10.80 0.19
N GLU A 303 -25.72 -10.03 0.99
CA GLU A 303 -26.18 -8.65 0.66
C GLU A 303 -25.03 -7.66 0.84
N LYS A 304 -24.82 -6.76 -0.14
CA LYS A 304 -23.85 -5.65 -0.01
C LYS A 304 -24.28 -4.77 1.16
N PRO A 305 -23.39 -4.47 2.12
CA PRO A 305 -23.67 -3.42 3.11
C PRO A 305 -24.00 -2.10 2.40
N SER A 306 -25.01 -1.38 2.92
CA SER A 306 -25.52 -0.09 2.39
C SER A 306 -24.42 0.99 2.40
N SER A 307 -23.57 1.03 3.43
CA SER A 307 -22.64 2.16 3.68
C SER A 307 -21.39 2.08 2.78
N VAL A 308 -21.21 0.99 2.05
CA VAL A 308 -19.96 0.64 1.33
C VAL A 308 -20.14 0.84 -0.18
N THR A 309 -19.12 1.21 -0.92
CA THR A 309 -19.23 1.51 -2.37
C THR A 309 -19.36 0.19 -3.15
N VAL A 310 -19.91 0.28 -4.36
CA VAL A 310 -19.95 -0.84 -5.34
C VAL A 310 -18.51 -1.33 -5.55
N ASP A 311 -17.56 -0.41 -5.75
CA ASP A 311 -16.13 -0.74 -5.99
C ASP A 311 -15.60 -1.56 -4.82
N PHE A 312 -15.84 -1.12 -3.58
CA PHE A 312 -15.37 -1.87 -2.38
C PHE A 312 -15.92 -3.30 -2.44
N TRP A 313 -17.21 -3.44 -2.75
CA TRP A 313 -17.92 -4.75 -2.72
C TRP A 313 -17.38 -5.65 -3.83
N GLU A 314 -17.18 -5.11 -5.04
CA GLU A 314 -16.64 -5.91 -6.18
C GLU A 314 -15.21 -6.36 -5.86
N MET A 315 -14.39 -5.50 -5.24
CA MET A 315 -13.00 -5.89 -4.89
C MET A 315 -13.06 -6.96 -3.80
N THR A 316 -13.97 -6.84 -2.82
CA THR A 316 -14.03 -7.81 -1.70
C THR A 316 -14.40 -9.19 -2.25
N LYS A 317 -15.28 -9.27 -3.25
CA LYS A 317 -15.68 -10.57 -3.87
C LYS A 317 -14.44 -11.28 -4.45
N LEU A 318 -13.64 -10.60 -5.26
CA LEU A 318 -12.37 -11.18 -5.82
C LEU A 318 -11.40 -11.52 -4.69
N GLU A 319 -11.28 -10.66 -3.68
CA GLU A 319 -10.36 -10.89 -2.53
C GLU A 319 -10.83 -12.11 -1.73
N ALA A 320 -12.13 -12.31 -1.56
CA ALA A 320 -12.68 -13.52 -0.89
C ALA A 320 -12.26 -14.76 -1.68
N ILE A 321 -12.46 -14.73 -3.00
CA ILE A 321 -12.09 -15.88 -3.89
C ILE A 321 -10.60 -16.17 -3.68
N MET A 322 -9.75 -15.15 -3.76
CA MET A 322 -8.27 -15.37 -3.67
C MET A 322 -7.87 -15.73 -2.23
N LYS A 323 -8.59 -15.31 -1.20
CA LYS A 323 -8.21 -15.68 0.20
C LYS A 323 -8.43 -17.19 0.40
N TYR A 324 -9.60 -17.71 0.04
CA TYR A 324 -10.03 -19.10 0.34
C TYR A 324 -9.66 -20.09 -0.79
N LYS A 325 -9.60 -19.68 -2.05
CA LYS A 325 -9.25 -20.61 -3.17
C LYS A 325 -7.78 -20.42 -3.56
N GLU A 326 -7.18 -19.27 -3.24
CA GLU A 326 -5.72 -19.01 -3.40
C GLU A 326 -5.29 -19.18 -4.86
N TYR A 327 -6.16 -18.93 -5.84
CA TYR A 327 -5.84 -19.11 -7.29
C TYR A 327 -4.66 -18.22 -7.68
N ILE A 328 -4.60 -16.99 -7.16
CA ILE A 328 -3.52 -16.02 -7.48
C ILE A 328 -2.76 -15.75 -6.19
N PRO A 329 -1.49 -16.17 -6.09
CA PRO A 329 -0.73 -16.04 -4.84
C PRO A 329 -0.46 -14.55 -4.57
N GLU A 330 -0.46 -14.16 -3.30
CA GLU A 330 -0.09 -12.80 -2.84
C GLU A 330 -1.16 -11.77 -3.25
N TYR A 331 -2.36 -12.21 -3.63
CA TYR A 331 -3.49 -11.27 -3.88
C TYR A 331 -3.83 -10.57 -2.55
N THR A 332 -4.08 -9.28 -2.61
CA THR A 332 -4.41 -8.48 -1.41
C THR A 332 -5.71 -8.98 -0.79
N SER A 333 -5.88 -8.80 0.52
CA SER A 333 -7.18 -8.96 1.24
C SER A 333 -7.51 -7.66 1.99
N GLU A 334 -7.03 -6.51 1.51
CA GLU A 334 -7.14 -5.21 2.24
C GLU A 334 -8.61 -4.78 2.38
N HIS A 335 -9.50 -5.13 1.45
CA HIS A 335 -10.93 -4.77 1.55
C HIS A 335 -11.67 -5.82 2.38
N PHE A 336 -11.44 -7.10 2.07
CA PHE A 336 -12.07 -8.26 2.74
C PHE A 336 -11.79 -8.19 4.25
N ASP A 337 -10.58 -7.79 4.65
CA ASP A 337 -10.14 -7.72 6.07
C ASP A 337 -10.90 -6.63 6.84
N MET A 338 -11.62 -5.72 6.15
CA MET A 338 -12.38 -4.62 6.80
C MET A 338 -13.75 -5.14 7.26
N LEU A 339 -14.16 -6.35 6.83
CA LEU A 339 -15.49 -6.92 7.16
C LEU A 339 -15.41 -7.69 8.49
N ASP A 340 -16.47 -7.65 9.28
CA ASP A 340 -16.51 -8.40 10.58
C ASP A 340 -16.50 -9.90 10.27
N GLU A 341 -16.25 -10.72 11.31
CA GLU A 341 -16.12 -12.19 11.24
C GLU A 341 -17.41 -12.78 10.63
N GLU A 342 -18.59 -12.22 10.92
CA GLU A 342 -19.88 -12.76 10.43
C GLU A 342 -19.90 -12.71 8.91
N VAL A 343 -19.56 -11.56 8.31
CA VAL A 343 -19.63 -11.39 6.83
C VAL A 343 -18.50 -12.22 6.20
N GLN A 344 -17.31 -12.25 6.81
CA GLN A 344 -16.17 -13.04 6.32
C GLN A 344 -16.56 -14.53 6.28
N SER A 345 -17.28 -15.01 7.28
CA SER A 345 -17.67 -16.44 7.39
C SER A 345 -18.72 -16.78 6.30
N SER A 346 -19.60 -15.85 5.93
CA SER A 346 -20.60 -15.99 4.84
C SER A 346 -19.89 -16.24 3.51
N PHE A 347 -18.81 -15.50 3.25
CA PHE A 347 -17.95 -15.66 2.05
C PHE A 347 -17.28 -17.02 2.12
N GLU A 348 -16.69 -17.36 3.26
CA GLU A 348 -15.95 -18.63 3.44
C GLU A 348 -16.91 -19.81 3.19
N SER A 349 -18.12 -19.77 3.72
CA SER A 349 -19.07 -20.91 3.63
C SER A 349 -19.61 -21.01 2.19
N VAL A 350 -19.90 -19.89 1.52
CA VAL A 350 -20.25 -19.90 0.06
C VAL A 350 -19.12 -20.62 -0.69
N LEU A 351 -17.87 -20.24 -0.48
CA LEU A 351 -16.74 -20.77 -1.28
C LEU A 351 -16.38 -22.21 -0.88
N ALA A 352 -16.69 -22.64 0.36
CA ALA A 352 -16.29 -23.96 0.90
C ALA A 352 -16.99 -25.08 0.13
N SER A 353 -18.13 -24.77 -0.50
CA SER A 353 -18.98 -25.72 -1.24
C SER A 353 -18.67 -25.76 -2.74
N LYS A 354 -17.52 -25.23 -3.20
CA LYS A 354 -17.14 -25.23 -4.64
C LYS A 354 -15.80 -25.93 -4.79
N SER A 355 -15.72 -26.99 -5.60
CA SER A 355 -14.49 -27.79 -5.84
C SER A 355 -13.79 -27.39 -7.14
N ASP A 356 -14.45 -26.67 -8.06
CA ASP A 356 -13.86 -26.35 -9.38
C ASP A 356 -13.96 -24.84 -9.67
N LYS A 357 -12.91 -24.31 -10.32
CA LYS A 357 -12.78 -22.90 -10.76
C LYS A 357 -13.96 -22.48 -11.64
N SER A 358 -14.53 -23.42 -12.42
CA SER A 358 -15.69 -23.16 -13.32
C SER A 358 -16.94 -22.84 -12.48
N GLU A 359 -16.95 -23.13 -11.19
CA GLU A 359 -18.10 -22.80 -10.30
C GLU A 359 -17.93 -21.40 -9.73
N ILE A 360 -16.75 -20.81 -9.90
CA ILE A 360 -16.35 -19.47 -9.37
C ILE A 360 -16.37 -18.48 -10.54
N PHE A 361 -15.56 -18.73 -11.58
CA PHE A 361 -15.41 -17.88 -12.80
C PHE A 361 -16.25 -18.46 -13.94
N SER A 362 -17.01 -17.59 -14.63
CA SER A 362 -17.77 -17.93 -15.85
C SER A 362 -16.81 -18.05 -17.05
N SER A 363 -17.27 -18.69 -18.13
CA SER A 363 -16.55 -18.84 -19.40
C SER A 363 -17.17 -17.86 -20.40
N LEU A 364 -16.42 -17.49 -21.43
CA LEU A 364 -16.92 -16.63 -22.53
C LEU A 364 -17.86 -17.44 -23.44
N GLY A 365 -17.54 -18.71 -23.69
CA GLY A 365 -18.29 -19.59 -24.60
C GLY A 365 -18.37 -19.03 -26.02
N ASP A 366 -19.52 -19.24 -26.67
CA ASP A 366 -19.72 -18.90 -28.10
C ASP A 366 -20.29 -17.49 -28.12
N MET A 367 -19.48 -16.51 -28.52
CA MET A 367 -19.94 -15.10 -28.48
C MET A 367 -20.27 -14.69 -29.91
N GLU A 368 -21.20 -13.76 -30.08
CA GLU A 368 -21.46 -13.18 -31.41
C GLU A 368 -21.56 -11.66 -31.29
N ALA A 369 -21.24 -11.00 -32.39
CA ALA A 369 -21.26 -9.52 -32.50
C ALA A 369 -21.60 -9.16 -33.95
N SER A 370 -21.92 -7.89 -34.15
CA SER A 370 -22.21 -7.34 -35.50
C SER A 370 -20.91 -7.21 -36.26
N PRO A 371 -20.90 -7.56 -37.57
CA PRO A 371 -19.82 -7.16 -38.47
C PRO A 371 -19.52 -5.66 -38.45
N LEU A 372 -20.48 -4.82 -37.99
CA LEU A 372 -20.26 -3.35 -37.93
C LEU A 372 -19.40 -2.92 -36.74
N GLU A 373 -19.40 -3.67 -35.63
CA GLU A 373 -19.10 -3.06 -34.30
C GLU A 373 -17.79 -3.59 -33.68
N VAL A 374 -17.30 -2.78 -32.75
CA VAL A 374 -16.38 -3.23 -31.66
C VAL A 374 -17.09 -2.93 -30.35
N LYS A 375 -17.25 -3.95 -29.50
CA LYS A 375 -17.86 -3.79 -28.16
C LYS A 375 -16.75 -3.43 -27.17
N ILE A 376 -17.06 -2.57 -26.20
CA ILE A 376 -16.04 -1.97 -25.27
C ILE A 376 -16.56 -2.13 -23.85
N ALA A 377 -15.64 -2.34 -22.90
CA ALA A 377 -15.94 -2.40 -21.46
C ALA A 377 -16.34 -1.00 -21.03
N PHE A 378 -16.93 -0.90 -19.85
CA PHE A 378 -17.40 0.40 -19.31
C PHE A 378 -17.26 0.36 -17.80
N ASN A 379 -17.18 1.55 -17.21
CA ASN A 379 -17.26 1.74 -15.74
C ASN A 379 -18.16 2.95 -15.50
N SER A 380 -18.29 3.41 -14.26
CA SER A 380 -19.18 4.54 -13.88
C SER A 380 -18.74 5.81 -14.61
N LYS A 381 -17.45 5.92 -15.01
CA LYS A 381 -16.88 7.11 -15.70
C LYS A 381 -17.09 7.03 -17.22
N GLY A 382 -17.49 5.89 -17.76
CA GLY A 382 -17.82 5.76 -19.20
C GLY A 382 -17.14 4.56 -19.84
N ILE A 383 -16.95 4.58 -21.15
CA ILE A 383 -16.32 3.44 -21.87
C ILE A 383 -14.82 3.39 -21.54
N ILE A 384 -14.26 2.20 -21.57
CA ILE A 384 -12.82 1.96 -21.31
C ILE A 384 -12.38 0.75 -22.14
N ASN A 385 -11.27 0.91 -22.87
CA ASN A 385 -10.77 -0.06 -23.87
C ASN A 385 -9.91 -1.14 -23.20
N GLN A 386 -10.10 -1.41 -21.91
CA GLN A 386 -9.36 -2.48 -21.19
C GLN A 386 -9.99 -3.84 -21.54
N GLY A 387 -11.20 -3.80 -22.11
CA GLY A 387 -11.88 -4.97 -22.68
C GLY A 387 -12.52 -4.60 -24.00
N LEU A 388 -12.30 -5.39 -25.05
CA LEU A 388 -12.85 -5.16 -26.42
C LEU A 388 -13.24 -6.50 -27.04
N ILE A 389 -14.36 -6.53 -27.76
CA ILE A 389 -14.78 -7.73 -28.54
C ILE A 389 -15.06 -7.29 -29.98
N SER A 390 -14.57 -8.02 -30.97
CA SER A 390 -14.77 -7.71 -32.39
C SER A 390 -14.64 -8.97 -33.25
N VAL A 391 -15.51 -9.12 -34.25
CA VAL A 391 -15.25 -10.10 -35.32
C VAL A 391 -14.09 -9.53 -36.14
N LYS A 392 -13.37 -10.40 -36.83
CA LYS A 392 -12.31 -10.04 -37.82
C LYS A 392 -12.84 -8.98 -38.78
N ASP A 393 -12.08 -7.90 -39.00
CA ASP A 393 -12.28 -6.82 -39.97
C ASP A 393 -13.66 -6.16 -39.77
N SER A 394 -14.14 -6.04 -38.53
CA SER A 394 -15.37 -5.26 -38.23
C SER A 394 -15.21 -3.84 -38.77
N TYR A 395 -16.31 -3.25 -39.23
CA TYR A 395 -16.34 -1.87 -39.77
C TYR A 395 -15.76 -0.90 -38.73
N CYS A 396 -16.17 -1.01 -37.48
CA CYS A 396 -15.72 -0.10 -36.39
C CYS A 396 -14.21 -0.27 -36.12
N SER A 397 -13.65 -1.47 -36.21
CA SER A 397 -12.20 -1.67 -36.01
C SER A 397 -11.44 -0.76 -36.98
N ASN A 398 -11.91 -0.65 -38.22
CA ASN A 398 -11.31 0.22 -39.27
C ASN A 398 -11.52 1.70 -38.90
N LEU A 399 -12.73 2.08 -38.47
CA LEU A 399 -13.06 3.47 -38.07
C LEU A 399 -12.15 3.91 -36.89
N ILE A 400 -11.88 2.99 -35.96
CA ILE A 400 -11.06 3.28 -34.74
C ILE A 400 -9.62 3.50 -35.17
N VAL A 401 -9.07 2.61 -36.00
CA VAL A 401 -7.70 2.77 -36.57
C VAL A 401 -7.61 4.14 -37.23
N LYS A 402 -8.59 4.54 -38.04
CA LYS A 402 -8.52 5.83 -38.77
C LYS A 402 -8.65 7.00 -37.78
N GLN A 403 -9.47 6.87 -36.74
CA GLN A 403 -9.58 7.92 -35.70
C GLN A 403 -8.19 8.14 -35.09
N ILE A 404 -7.52 7.06 -34.69
CA ILE A 404 -6.19 7.16 -34.03
C ILE A 404 -5.21 7.84 -34.99
N GLU A 405 -5.20 7.39 -36.26
CA GLU A 405 -4.28 7.95 -37.29
C GLU A 405 -4.55 9.45 -37.44
N ASN A 406 -5.81 9.87 -37.48
CA ASN A 406 -6.16 11.30 -37.68
C ASN A 406 -5.75 12.13 -36.45
N ARG A 407 -5.96 11.59 -35.26
CA ARG A 407 -5.60 12.26 -33.96
C ARG A 407 -4.08 12.45 -33.91
N TYR A 408 -3.29 11.45 -34.30
CA TYR A 408 -1.81 11.54 -34.37
C TYR A 408 -1.38 12.50 -35.48
N LYS A 409 -2.09 12.55 -36.62
CA LYS A 409 -1.75 13.50 -37.70
C LYS A 409 -1.77 14.91 -37.12
N ILE A 410 -2.83 15.25 -36.39
CA ILE A 410 -3.03 16.61 -35.83
C ILE A 410 -1.99 16.88 -34.74
N LEU A 411 -1.82 15.93 -33.82
CA LEU A 411 -0.82 16.06 -32.73
C LEU A 411 0.56 16.32 -33.34
N ASN A 412 1.04 15.41 -34.17
CA ASN A 412 2.42 15.39 -34.71
C ASN A 412 2.68 16.64 -35.54
N ASN A 413 1.68 17.16 -36.25
CA ASN A 413 1.78 18.38 -37.08
C ASN A 413 2.20 19.55 -36.19
N SER A 414 1.77 19.59 -34.92
CA SER A 414 2.02 20.72 -33.98
C SER A 414 3.22 20.40 -33.07
N LEU A 415 3.43 19.15 -32.71
CA LEU A 415 4.47 18.76 -31.73
C LEU A 415 5.84 18.65 -32.42
N ASN A 416 5.89 18.00 -33.59
CA ASN A 416 7.18 17.53 -34.18
C ASN A 416 8.05 18.73 -34.58
N PRO A 417 7.49 19.86 -35.08
CA PRO A 417 8.30 21.05 -35.34
C PRO A 417 9.05 21.50 -34.07
N ALA A 418 8.35 21.60 -32.94
CA ALA A 418 8.92 22.01 -31.64
C ALA A 418 10.08 21.07 -31.25
N ILE A 419 9.84 19.76 -31.23
CA ILE A 419 10.91 18.75 -30.89
C ILE A 419 12.16 19.03 -31.74
N SER A 420 12.01 19.16 -33.07
CA SER A 420 13.13 19.28 -34.05
C SER A 420 13.93 20.57 -33.83
N GLU A 421 13.30 21.66 -33.36
CA GLU A 421 13.99 22.86 -32.81
C GLU A 421 14.58 22.49 -31.45
N ASP A 422 15.91 22.36 -31.36
CA ASP A 422 16.58 21.57 -30.28
C ASP A 422 16.45 22.25 -28.91
N ASN A 423 15.33 22.93 -28.64
CA ASN A 423 15.12 23.78 -27.43
C ASN A 423 14.70 22.91 -26.24
N ASP A 424 14.73 23.49 -25.04
CA ASP A 424 14.50 22.77 -23.75
C ASP A 424 13.00 22.51 -23.60
N PHE A 425 12.61 21.87 -22.49
CA PHE A 425 11.22 21.39 -22.24
C PHE A 425 10.24 22.56 -22.29
N ASN A 426 10.47 23.63 -21.52
CA ASN A 426 9.49 24.72 -21.35
C ASN A 426 9.34 25.44 -22.68
N THR A 427 10.44 25.64 -23.40
CA THR A 427 10.44 26.32 -24.72
C THR A 427 9.63 25.45 -25.68
N THR A 428 9.98 24.16 -25.81
CA THR A 428 9.27 23.17 -26.66
C THR A 428 7.77 23.21 -26.34
N THR A 429 7.41 23.15 -25.05
CA THR A 429 6.01 23.18 -24.53
C THR A 429 5.26 24.41 -25.05
N ASN A 430 5.85 25.61 -24.96
CA ASN A 430 5.16 26.87 -25.34
C ASN A 430 4.97 26.93 -26.86
N THR A 431 5.99 26.54 -27.64
CA THR A 431 5.94 26.43 -29.13
C THR A 431 4.77 25.53 -29.51
N PHE A 432 4.75 24.32 -28.93
CA PHE A 432 3.69 23.29 -29.12
C PHE A 432 2.32 23.88 -28.80
N ILE A 433 2.17 24.48 -27.61
CA ILE A 433 0.85 25.02 -27.12
C ILE A 433 0.40 26.17 -28.03
N ASP A 434 1.34 26.98 -28.51
CA ASP A 434 1.01 28.11 -29.40
C ASP A 434 0.45 27.56 -30.72
N SER A 435 1.09 26.51 -31.27
CA SER A 435 0.65 25.82 -32.52
C SER A 435 -0.77 25.28 -32.32
N ILE A 436 -1.03 24.65 -31.18
CA ILE A 436 -2.36 24.08 -30.81
C ILE A 436 -3.41 25.19 -30.86
N MET A 437 -3.18 26.33 -30.22
CA MET A 437 -4.20 27.40 -30.11
C MET A 437 -4.39 28.09 -31.46
N ALA A 438 -3.35 28.14 -32.30
CA ALA A 438 -3.41 28.72 -33.66
C ALA A 438 -4.16 27.78 -34.62
N GLU A 439 -4.02 26.46 -34.45
CA GLU A 439 -4.58 25.43 -35.37
C GLU A 439 -6.02 25.06 -34.94
N ALA A 440 -6.38 25.25 -33.67
CA ALA A 440 -7.72 24.95 -33.11
C ALA A 440 -8.79 25.57 -34.01
N ASN A 441 -9.88 24.83 -34.28
CA ASN A 441 -11.08 25.34 -35.00
C ASN A 441 -12.32 24.93 -34.20
N ALA A 442 -13.52 25.11 -34.75
CA ALA A 442 -14.81 24.88 -34.05
C ALA A 442 -15.00 23.38 -33.79
N ASP A 443 -14.83 22.53 -34.82
CA ASP A 443 -15.04 21.07 -34.72
C ASP A 443 -14.01 20.48 -33.74
N ASN A 444 -12.72 20.62 -34.08
CA ASN A 444 -11.58 19.90 -33.42
C ASN A 444 -11.10 20.65 -32.17
N GLY A 445 -11.58 21.88 -31.93
CA GLY A 445 -11.09 22.76 -30.85
C GLY A 445 -10.97 22.04 -29.52
N ARG A 446 -12.01 21.30 -29.14
CA ARG A 446 -12.15 20.70 -27.78
C ARG A 446 -11.10 19.58 -27.63
N PHE A 447 -10.83 18.84 -28.70
CA PHE A 447 -9.78 17.79 -28.77
C PHE A 447 -8.40 18.44 -28.57
N MET A 448 -8.13 19.48 -29.34
CA MET A 448 -7.00 20.42 -29.09
C MET A 448 -7.28 20.94 -27.68
N MET A 449 -6.28 21.29 -26.91
CA MET A 449 -6.53 21.77 -25.52
C MET A 449 -6.60 20.55 -24.60
N GLU A 450 -7.06 19.37 -25.08
CA GLU A 450 -6.80 18.09 -24.35
C GLU A 450 -5.36 17.60 -24.65
N LEU A 451 -4.67 18.18 -25.63
CA LEU A 451 -3.36 17.69 -26.12
C LEU A 451 -2.19 18.37 -25.38
N GLY A 452 -2.42 19.49 -24.70
CA GLY A 452 -1.35 20.37 -24.21
C GLY A 452 -0.32 19.66 -23.31
N LYS A 453 -0.75 18.61 -22.60
CA LYS A 453 0.13 17.93 -21.62
C LYS A 453 0.78 16.68 -22.22
N TYR A 454 0.69 16.46 -23.54
CA TYR A 454 1.18 15.21 -24.19
C TYR A 454 2.60 14.85 -23.74
N LEU A 455 3.52 15.83 -23.74
CA LEU A 455 4.96 15.63 -23.41
C LEU A 455 5.13 15.07 -21.98
N ARG A 456 4.18 15.33 -21.10
CA ARG A 456 4.28 15.01 -19.64
C ARG A 456 3.74 13.61 -19.36
N VAL A 457 3.13 12.93 -20.33
CA VAL A 457 2.46 11.63 -20.06
C VAL A 457 3.47 10.69 -19.41
N GLY A 458 3.11 10.12 -18.25
CA GLY A 458 3.93 9.13 -17.52
C GLY A 458 4.91 9.78 -16.54
N PHE A 459 5.06 11.11 -16.55
CA PHE A 459 6.14 11.82 -15.80
C PHE A 459 5.61 12.84 -14.80
N PHE A 460 4.31 13.10 -14.85
CA PHE A 460 3.58 14.10 -14.02
C PHE A 460 2.30 13.46 -13.54
N PRO A 461 1.76 13.82 -12.36
CA PRO A 461 0.47 13.30 -11.93
C PRO A 461 -0.68 13.90 -12.76
N ASP A 462 -1.77 13.14 -12.88
CA ASP A 462 -3.06 13.57 -13.48
C ASP A 462 -2.85 14.01 -14.94
N VAL A 463 -2.01 13.31 -15.69
CA VAL A 463 -1.84 13.55 -17.15
C VAL A 463 -2.37 12.31 -17.89
N LYS A 464 -3.45 12.48 -18.66
CA LYS A 464 -4.28 11.36 -19.18
C LYS A 464 -4.42 11.48 -20.70
N THR A 465 -3.51 12.19 -21.37
CA THR A 465 -3.64 12.60 -22.79
C THR A 465 -3.90 11.39 -23.69
N THR A 466 -3.29 10.25 -23.37
CA THR A 466 -3.35 8.98 -24.13
C THR A 466 -4.82 8.61 -24.40
N ILE A 467 -5.69 8.87 -23.43
CA ILE A 467 -7.14 8.51 -23.52
C ILE A 467 -7.76 9.22 -24.73
N ASN A 468 -7.26 10.41 -25.07
CA ASN A 468 -7.85 11.30 -26.10
C ASN A 468 -7.26 10.96 -27.48
N LEU A 469 -6.16 10.22 -27.54
CA LEU A 469 -5.40 9.92 -28.78
C LEU A 469 -5.67 8.48 -29.24
N SER A 470 -5.22 7.50 -28.47
CA SER A 470 -5.24 6.06 -28.83
C SER A 470 -6.26 5.29 -28.00
N GLY A 471 -6.84 5.94 -26.99
CA GLY A 471 -7.68 5.28 -25.97
C GLY A 471 -9.17 5.57 -26.17
N PRO A 472 -9.99 5.48 -25.10
CA PRO A 472 -11.44 5.60 -25.18
C PRO A 472 -12.07 6.66 -26.09
N GLU A 473 -11.47 7.86 -26.19
CA GLU A 473 -12.09 8.95 -26.98
C GLU A 473 -12.12 8.54 -28.45
N ALA A 474 -11.12 7.79 -28.92
CA ALA A 474 -11.04 7.30 -30.32
C ALA A 474 -12.19 6.32 -30.57
N TYR A 475 -12.61 5.56 -29.55
CA TYR A 475 -13.70 4.56 -29.64
C TYR A 475 -15.04 5.32 -29.74
N ALA A 476 -15.26 6.30 -28.86
CA ALA A 476 -16.50 7.12 -28.83
C ALA A 476 -16.65 7.85 -30.18
N ALA A 477 -15.56 8.36 -30.71
CA ALA A 477 -15.53 9.11 -31.98
C ALA A 477 -15.82 8.18 -33.15
N ALA A 478 -15.32 6.95 -33.10
CA ALA A 478 -15.59 5.92 -34.13
C ALA A 478 -17.07 5.52 -34.09
N TYR A 479 -17.67 5.43 -32.91
CA TYR A 479 -19.11 5.09 -32.78
C TYR A 479 -19.92 6.25 -33.35
N GLN A 480 -19.48 7.48 -33.09
CA GLN A 480 -20.12 8.68 -33.65
C GLN A 480 -20.00 8.65 -35.18
N ASP A 481 -18.82 8.28 -35.69
CA ASP A 481 -18.58 8.12 -37.16
C ASP A 481 -19.63 7.13 -37.74
N LEU A 482 -19.80 5.97 -37.10
CA LEU A 482 -20.74 4.93 -37.57
C LEU A 482 -22.18 5.49 -37.59
N LEU A 483 -22.63 6.14 -36.52
CA LEU A 483 -24.04 6.57 -36.36
C LEU A 483 -24.34 7.85 -37.16
N MET A 484 -23.32 8.63 -37.51
CA MET A 484 -23.47 9.85 -38.35
C MET A 484 -23.01 9.61 -39.80
N PHE A 485 -22.71 8.36 -40.16
CA PHE A 485 -22.41 7.95 -41.57
C PHE A 485 -21.29 8.81 -42.15
N LYS A 486 -20.20 8.96 -41.39
CA LYS A 486 -19.04 9.77 -41.84
C LYS A 486 -17.78 9.20 -41.19
N GLU A 487 -16.65 9.86 -41.45
CA GLU A 487 -15.35 9.56 -40.79
C GLU A 487 -14.76 10.87 -40.30
N GLY A 488 -14.05 10.84 -39.18
CA GLY A 488 -13.28 12.00 -38.69
C GLY A 488 -14.02 12.86 -37.68
N SER A 489 -15.09 12.34 -37.06
CA SER A 489 -15.74 12.99 -35.91
C SER A 489 -14.67 13.38 -34.88
N MET A 490 -14.61 14.65 -34.51
CA MET A 490 -13.68 15.23 -33.52
C MET A 490 -14.46 15.83 -32.36
N ASN A 491 -15.72 16.22 -32.58
CA ASN A 491 -16.59 16.90 -31.59
C ASN A 491 -17.66 15.89 -31.11
N ILE A 492 -17.40 15.23 -29.98
CA ILE A 492 -18.16 14.03 -29.52
C ILE A 492 -19.40 14.48 -28.75
N HIS A 493 -20.60 14.13 -29.22
CA HIS A 493 -21.89 14.47 -28.56
C HIS A 493 -22.64 13.21 -28.12
N LEU A 494 -22.10 11.99 -28.33
CA LEU A 494 -22.78 10.74 -27.87
C LEU A 494 -22.98 10.82 -26.36
N ILE A 495 -24.11 10.31 -25.85
CA ILE A 495 -24.40 10.19 -24.40
C ILE A 495 -24.58 8.70 -24.09
N GLU A 496 -24.60 8.34 -22.80
CA GLU A 496 -24.47 6.94 -22.33
C GLU A 496 -25.56 6.06 -22.99
N ALA A 497 -26.73 6.63 -23.32
CA ALA A 497 -27.83 5.90 -24.00
C ALA A 497 -27.36 5.37 -25.37
N ASP A 498 -26.59 6.19 -26.09
CA ASP A 498 -25.98 5.84 -27.40
C ASP A 498 -24.91 4.74 -27.18
N LEU A 499 -23.99 4.96 -26.24
CA LEU A 499 -22.79 4.12 -26.03
C LEU A 499 -23.20 2.74 -25.48
N ARG A 500 -24.28 2.69 -24.72
CA ARG A 500 -24.84 1.44 -24.15
C ARG A 500 -25.00 0.37 -25.25
N ASN A 501 -25.25 0.75 -26.50
CA ASN A 501 -25.41 -0.22 -27.60
C ASN A 501 -24.10 -0.95 -27.90
N PHE A 502 -22.94 -0.41 -27.50
CA PHE A 502 -21.62 -0.94 -27.87
C PHE A 502 -20.89 -1.53 -26.65
N GLU A 503 -21.57 -1.67 -25.51
CA GLU A 503 -20.91 -2.04 -24.24
C GLU A 503 -20.88 -3.56 -24.06
N ILE A 504 -19.74 -4.05 -23.57
CA ILE A 504 -19.59 -5.44 -23.10
C ILE A 504 -20.39 -5.61 -21.80
N SER A 505 -21.14 -6.70 -21.70
CA SER A 505 -21.86 -7.12 -20.48
C SER A 505 -20.87 -7.21 -19.30
N LYS A 506 -21.24 -6.62 -18.17
CA LYS A 506 -20.52 -6.71 -16.88
C LYS A 506 -20.19 -8.17 -16.54
N THR A 507 -21.02 -9.15 -16.95
CA THR A 507 -20.82 -10.60 -16.66
C THR A 507 -19.55 -11.14 -17.33
N ASN A 508 -19.02 -10.47 -18.36
CA ASN A 508 -17.92 -11.06 -19.15
C ASN A 508 -16.53 -10.65 -18.64
N ILE A 509 -16.44 -9.68 -17.73
CA ILE A 509 -15.11 -9.24 -17.18
C ILE A 509 -15.28 -8.84 -15.70
N SER A 510 -14.34 -9.27 -14.86
CA SER A 510 -14.11 -8.67 -13.53
C SER A 510 -13.06 -7.56 -13.70
N GLN A 511 -13.49 -6.29 -13.62
CA GLN A 511 -12.60 -5.12 -13.84
C GLN A 511 -11.97 -4.65 -12.51
N SER A 512 -12.61 -4.93 -11.37
CA SER A 512 -12.23 -4.32 -10.06
C SER A 512 -11.18 -5.20 -9.39
N THR A 513 -10.05 -5.37 -10.08
CA THR A 513 -8.94 -6.23 -9.62
C THR A 513 -7.92 -5.38 -8.86
N GLU A 514 -7.03 -6.05 -8.14
CA GLU A 514 -5.89 -5.40 -7.45
C GLU A 514 -5.02 -4.67 -8.47
N GLN A 515 -4.62 -5.31 -9.57
CA GLN A 515 -3.66 -4.71 -10.51
C GLN A 515 -4.30 -3.52 -11.24
N GLU A 516 -5.62 -3.52 -11.40
CA GLU A 516 -6.36 -2.42 -12.07
C GLU A 516 -6.19 -1.12 -11.27
N MET A 517 -6.07 -1.20 -9.94
CA MET A 517 -5.94 0.01 -9.06
C MET A 517 -4.55 0.64 -9.20
N ALA A 518 -3.57 -0.06 -9.75
CA ALA A 518 -2.18 0.44 -9.93
C ALA A 518 -1.86 0.67 -11.41
N SER A 519 -2.16 1.86 -11.92
CA SER A 519 -1.95 2.25 -13.34
C SER A 519 -0.44 2.26 -13.65
N LEU A 520 -0.08 1.75 -14.83
CA LEU A 520 1.33 1.60 -15.25
C LEU A 520 1.81 2.85 -16.01
N TRP A 521 0.92 3.78 -16.38
CA TRP A 521 1.30 4.91 -17.27
C TRP A 521 0.84 6.25 -16.68
N SER A 522 0.11 6.24 -15.58
CA SER A 522 -0.45 7.47 -14.95
C SER A 522 -0.40 7.32 -13.44
N PHE A 523 -0.47 8.42 -12.70
CA PHE A 523 -0.51 8.39 -11.22
C PHE A 523 -1.22 9.66 -10.73
N ASP A 524 -1.86 9.61 -9.57
CA ASP A 524 -2.65 10.75 -9.02
C ASP A 524 -1.77 11.56 -8.06
N ASP A 525 -2.32 12.62 -7.48
CA ASP A 525 -1.56 13.59 -6.64
C ASP A 525 -1.03 12.88 -5.39
N ALA A 526 -1.83 12.02 -4.78
CA ALA A 526 -1.46 11.27 -3.57
C ALA A 526 -0.23 10.43 -3.87
N ARG A 527 -0.21 9.71 -4.99
CA ARG A 527 0.95 8.84 -5.32
C ARG A 527 2.17 9.73 -5.62
N ALA A 528 1.94 10.90 -6.22
CA ALA A 528 3.01 11.86 -6.59
C ALA A 528 3.68 12.38 -5.31
N LYS A 529 2.86 12.81 -4.34
CA LYS A 529 3.36 13.32 -3.03
C LYS A 529 4.21 12.25 -2.37
N ALA A 530 3.74 10.99 -2.36
CA ALA A 530 4.38 9.84 -1.70
C ALA A 530 5.69 9.50 -2.40
N GLN A 531 5.72 9.54 -3.74
CA GLN A 531 6.95 9.33 -4.53
C GLN A 531 7.98 10.40 -4.13
N PHE A 532 7.57 11.66 -4.05
CA PHE A 532 8.48 12.80 -3.73
C PHE A 532 9.12 12.58 -2.35
N GLU A 533 8.32 12.22 -1.34
CA GLU A 533 8.79 11.91 0.03
C GLU A 533 9.75 10.72 -0.03
N GLU A 534 9.39 9.67 -0.79
CA GLU A 534 10.23 8.47 -1.01
C GLU A 534 11.59 8.87 -1.62
N TYR A 535 11.62 9.78 -2.60
CA TYR A 535 12.86 10.15 -3.33
C TYR A 535 13.77 10.96 -2.37
N LYS A 536 13.19 11.85 -1.57
CA LYS A 536 13.96 12.68 -0.60
C LYS A 536 14.57 11.77 0.47
N ARG A 537 13.80 10.81 0.97
CA ARG A 537 14.27 9.82 1.99
C ARG A 537 15.46 9.03 1.42
N ASN A 538 15.30 8.40 0.26
CA ASN A 538 16.36 7.56 -0.38
C ASN A 538 17.59 8.43 -0.70
N TYR A 539 17.42 9.74 -0.84
CA TYR A 539 18.54 10.69 -1.05
C TYR A 539 19.21 10.97 0.30
N PHE A 540 18.48 11.58 1.23
CA PHE A 540 19.03 12.11 2.51
C PHE A 540 19.58 10.96 3.37
N GLU A 541 18.96 9.77 3.33
CA GLU A 541 19.30 8.62 4.21
C GLU A 541 20.01 7.53 3.40
N GLY A 542 20.19 7.73 2.10
CA GLY A 542 20.80 6.74 1.17
C GLY A 542 21.96 7.37 0.43
N SER A 543 21.68 7.92 -0.78
CA SER A 543 22.62 8.37 -1.85
C SER A 543 23.55 9.49 -1.38
N LEU A 544 23.03 10.47 -0.65
CA LEU A 544 23.81 11.61 -0.15
C LEU A 544 24.95 11.13 0.76
N LEU A 545 24.75 10.00 1.47
CA LEU A 545 25.70 9.52 2.51
C LEU A 545 26.80 8.65 1.85
N GLU A 546 26.72 8.40 0.53
CA GLU A 546 27.61 7.47 -0.24
C GLU A 546 28.76 8.25 -0.87
N HIS A 547 29.81 7.52 -1.29
CA HIS A 547 30.92 7.99 -2.16
C HIS A 547 30.78 7.31 -3.54
N SER B 3 -14.26 -3.64 52.70
CA SER B 3 -13.33 -3.85 53.84
C SER B 3 -12.77 -5.27 53.80
N LEU B 4 -11.49 -5.43 54.09
CA LEU B 4 -10.90 -6.79 54.28
C LEU B 4 -11.38 -7.32 55.63
N VAL B 5 -11.68 -8.61 55.73
CA VAL B 5 -12.01 -9.30 57.03
C VAL B 5 -11.06 -8.79 58.13
N ASN B 6 -11.59 -8.60 59.33
CA ASN B 6 -10.78 -8.27 60.53
C ASN B 6 -10.32 -9.59 61.18
N ARG B 7 -9.48 -9.47 62.22
CA ARG B 7 -8.92 -10.62 62.99
C ARG B 7 -10.06 -11.54 63.47
N LYS B 8 -11.07 -10.97 64.16
CA LYS B 8 -12.25 -11.72 64.69
C LYS B 8 -12.86 -12.55 63.57
N GLN B 9 -13.04 -11.95 62.39
CA GLN B 9 -13.73 -12.58 61.23
C GLN B 9 -12.87 -13.72 60.68
N LEU B 10 -11.55 -13.55 60.59
CA LEU B 10 -10.67 -14.64 60.08
C LEU B 10 -10.62 -15.76 61.12
N GLU B 11 -10.48 -15.41 62.41
CA GLU B 11 -10.54 -16.40 63.53
C GLU B 11 -11.82 -17.24 63.35
N LYS B 12 -12.96 -16.62 63.04
CA LYS B 12 -14.25 -17.30 62.79
C LYS B 12 -14.13 -18.20 61.54
N MET B 13 -13.60 -17.68 60.43
CA MET B 13 -13.44 -18.44 59.16
C MET B 13 -12.57 -19.68 59.36
N ALA B 14 -11.40 -19.54 60.00
CA ALA B 14 -10.36 -20.59 60.08
C ALA B 14 -10.41 -21.32 61.43
N ASN B 15 -11.47 -21.11 62.21
CA ASN B 15 -11.66 -21.77 63.52
C ASN B 15 -11.61 -23.29 63.35
N VAL B 16 -10.95 -24.00 64.26
CA VAL B 16 -11.07 -25.48 64.40
C VAL B 16 -11.24 -25.81 65.90
N ARG B 17 -12.36 -26.45 66.25
CA ARG B 17 -12.82 -26.68 67.65
C ARG B 17 -11.67 -27.29 68.47
N PHE B 18 -11.09 -28.42 68.02
CA PHE B 18 -10.08 -29.20 68.79
C PHE B 18 -8.77 -28.39 68.97
N ARG B 19 -8.30 -27.76 67.88
CA ARG B 19 -6.87 -27.44 67.70
C ARG B 19 -6.55 -26.03 68.24
N THR B 20 -5.44 -25.94 68.96
CA THR B 20 -4.87 -24.68 69.51
C THR B 20 -4.20 -23.89 68.37
N GLN B 21 -4.08 -22.58 68.56
CA GLN B 21 -3.55 -21.66 67.52
C GLN B 21 -2.03 -21.88 67.40
N GLU B 22 -1.58 -22.52 66.31
CA GLU B 22 -0.15 -22.59 65.88
C GLU B 22 0.45 -21.17 65.78
N ASP B 23 1.75 -21.05 66.07
CA ASP B 23 2.51 -19.76 66.03
C ASP B 23 2.35 -19.12 64.64
N GLU B 24 2.40 -19.90 63.57
CA GLU B 24 2.32 -19.39 62.16
C GLU B 24 0.93 -18.78 61.94
N TYR B 25 -0.11 -19.36 62.56
CA TYR B 25 -1.50 -18.85 62.45
C TYR B 25 -1.60 -17.54 63.23
N VAL B 26 -1.09 -17.49 64.46
CA VAL B 26 -1.15 -16.27 65.31
C VAL B 26 -0.43 -15.14 64.56
N ALA B 27 0.64 -15.44 63.82
CA ALA B 27 1.45 -14.44 63.07
C ALA B 27 0.54 -13.77 62.03
N ILE B 28 -0.29 -14.55 61.34
CA ILE B 28 -1.28 -14.04 60.33
C ILE B 28 -2.26 -13.13 61.05
N LEU B 29 -2.84 -13.62 62.15
CA LEU B 29 -3.89 -12.86 62.87
C LEU B 29 -3.30 -11.54 63.38
N ASP B 30 -2.07 -11.58 63.92
CA ASP B 30 -1.38 -10.36 64.44
C ASP B 30 -1.16 -9.40 63.27
N ALA B 31 -0.68 -9.90 62.14
CA ALA B 31 -0.37 -9.06 60.95
C ALA B 31 -1.66 -8.40 60.42
N LEU B 32 -2.74 -9.17 60.30
CA LEU B 32 -4.08 -8.67 59.87
C LEU B 32 -4.55 -7.56 60.81
N GLU B 33 -4.46 -7.78 62.12
CA GLU B 33 -4.88 -6.78 63.14
C GLU B 33 -4.03 -5.51 62.95
N GLU B 34 -2.73 -5.64 62.68
CA GLU B 34 -1.82 -4.49 62.47
C GLU B 34 -2.29 -3.71 61.24
N TYR B 35 -2.66 -4.42 60.17
CA TYR B 35 -3.13 -3.82 58.89
C TYR B 35 -4.36 -2.93 59.19
N HIS B 36 -5.31 -3.44 59.95
CA HIS B 36 -6.57 -2.71 60.27
C HIS B 36 -6.28 -1.51 61.18
N ASN B 37 -5.03 -1.32 61.63
CA ASN B 37 -4.64 -0.11 62.39
C ASN B 37 -3.64 0.69 61.56
N MET B 38 -3.72 0.61 60.23
CA MET B 38 -2.77 1.29 59.31
C MET B 38 -3.50 2.35 58.47
N SER B 39 -4.60 2.90 58.97
CA SER B 39 -5.40 3.95 58.28
C SER B 39 -4.51 5.16 57.98
N GLU B 40 -3.55 5.44 58.87
CA GLU B 40 -2.65 6.63 58.79
C GLU B 40 -1.47 6.37 57.84
N ASN B 41 -1.25 5.14 57.35
CA ASN B 41 -0.01 4.76 56.61
C ASN B 41 -0.20 5.01 55.11
N THR B 42 0.89 4.96 54.35
CA THR B 42 0.87 5.20 52.87
C THR B 42 0.31 3.97 52.15
N VAL B 43 -0.07 4.15 50.88
CA VAL B 43 -0.58 3.05 50.03
C VAL B 43 0.52 1.98 49.92
N VAL B 44 1.78 2.34 49.71
CA VAL B 44 2.85 1.31 49.53
C VAL B 44 3.05 0.59 50.88
N GLU B 45 3.05 1.32 52.00
CA GLU B 45 3.13 0.70 53.37
C GLU B 45 2.00 -0.32 53.52
N LYS B 46 0.78 0.03 53.12
CA LYS B 46 -0.39 -0.88 53.20
C LYS B 46 -0.16 -2.09 52.29
N TYR B 47 0.29 -1.89 51.06
CA TYR B 47 0.58 -3.03 50.14
C TYR B 47 1.61 -3.96 50.78
N LEU B 48 2.69 -3.41 51.33
CA LEU B 48 3.80 -4.24 51.90
C LEU B 48 3.26 -5.02 53.10
N LYS B 49 2.32 -4.44 53.86
CA LYS B 49 1.67 -5.21 54.97
C LYS B 49 0.85 -6.37 54.39
N LEU B 50 0.03 -6.12 53.36
CA LEU B 50 -0.77 -7.19 52.70
C LEU B 50 0.18 -8.26 52.18
N LYS B 51 1.31 -7.85 51.57
CA LYS B 51 2.32 -8.80 51.06
C LYS B 51 2.82 -9.70 52.21
N ASP B 52 3.15 -9.10 53.35
CA ASP B 52 3.58 -9.80 54.60
C ASP B 52 2.50 -10.83 55.00
N ILE B 53 1.24 -10.39 55.08
CA ILE B 53 0.08 -11.25 55.47
C ILE B 53 -0.01 -12.41 54.49
N ASN B 54 0.15 -12.16 53.19
CA ASN B 54 0.10 -13.22 52.17
C ASN B 54 1.27 -14.20 52.37
N SER B 55 2.46 -13.68 52.61
CA SER B 55 3.68 -14.51 52.82
C SER B 55 3.47 -15.41 54.05
N LEU B 56 3.00 -14.85 55.15
CA LEU B 56 2.76 -15.59 56.42
C LEU B 56 1.68 -16.66 56.18
N THR B 57 0.66 -16.38 55.35
CA THR B 57 -0.42 -17.32 54.99
C THR B 57 0.18 -18.50 54.20
N ASP B 58 1.01 -18.21 53.18
CA ASP B 58 1.68 -19.22 52.34
C ASP B 58 2.60 -20.10 53.20
N ILE B 59 3.26 -19.51 54.20
CA ILE B 59 4.15 -20.29 55.10
C ILE B 59 3.28 -21.26 55.90
N TYR B 60 2.18 -20.80 56.49
CA TYR B 60 1.23 -21.68 57.24
C TYR B 60 0.82 -22.86 56.36
N ILE B 61 0.30 -22.60 55.16
CA ILE B 61 -0.24 -23.62 54.20
C ILE B 61 0.88 -24.60 53.82
N ASP B 62 2.07 -24.10 53.49
CA ASP B 62 3.22 -24.96 53.07
C ASP B 62 3.73 -25.78 54.29
N THR B 63 3.62 -25.26 55.51
CA THR B 63 4.15 -25.93 56.73
C THR B 63 3.18 -27.07 57.14
N TYR B 64 1.89 -26.76 57.29
CA TYR B 64 0.81 -27.70 57.73
C TYR B 64 -0.03 -28.11 56.51
N LYS B 65 0.52 -29.01 55.70
CA LYS B 65 0.01 -29.34 54.34
C LYS B 65 -1.45 -29.82 54.40
N LYS B 66 -1.83 -30.56 55.45
CA LYS B 66 -3.16 -31.21 55.55
C LYS B 66 -4.13 -30.37 56.39
N SER B 67 -3.72 -29.19 56.87
CA SER B 67 -4.45 -28.43 57.93
C SER B 67 -5.92 -28.18 57.54
N GLY B 68 -6.82 -28.30 58.52
CA GLY B 68 -8.25 -27.95 58.42
C GLY B 68 -8.48 -26.45 58.32
N ARG B 69 -7.47 -25.63 58.62
CA ARG B 69 -7.54 -24.16 58.42
C ARG B 69 -7.32 -23.81 56.94
N ASN B 70 -6.75 -24.71 56.12
CA ASN B 70 -6.18 -24.35 54.80
C ASN B 70 -7.26 -23.82 53.86
N LYS B 71 -8.45 -24.41 53.84
CA LYS B 71 -9.47 -23.95 52.84
C LYS B 71 -9.88 -22.52 53.22
N ALA B 72 -10.11 -22.19 54.49
CA ALA B 72 -10.44 -20.80 54.91
C ALA B 72 -9.28 -19.83 54.60
N LEU B 73 -8.02 -20.27 54.78
CA LEU B 73 -6.80 -19.46 54.48
C LEU B 73 -6.68 -19.22 52.97
N LYS B 74 -7.01 -20.19 52.11
CA LYS B 74 -7.00 -20.01 50.63
C LYS B 74 -8.11 -19.04 50.23
N LYS B 75 -9.26 -19.04 50.92
CA LYS B 75 -10.32 -18.02 50.71
C LYS B 75 -9.79 -16.65 51.10
N PHE B 76 -9.12 -16.56 52.24
CA PHE B 76 -8.52 -15.31 52.77
C PHE B 76 -7.53 -14.74 51.74
N LYS B 77 -6.77 -15.60 51.06
CA LYS B 77 -5.81 -15.19 50.00
C LYS B 77 -6.58 -14.46 48.89
N GLU B 78 -7.77 -14.95 48.52
CA GLU B 78 -8.63 -14.29 47.49
C GLU B 78 -9.03 -12.92 48.03
N TYR B 79 -9.41 -12.81 49.30
CA TYR B 79 -9.79 -11.53 49.96
C TYR B 79 -8.62 -10.54 49.92
N LEU B 80 -7.39 -11.01 50.06
CA LEU B 80 -6.18 -10.15 50.00
C LEU B 80 -6.05 -9.55 48.60
N VAL B 81 -6.23 -10.34 47.54
CA VAL B 81 -6.15 -9.86 46.13
C VAL B 81 -7.22 -8.77 45.95
N THR B 82 -8.47 -9.06 46.33
CA THR B 82 -9.60 -8.11 46.22
C THR B 82 -9.27 -6.84 46.99
N GLU B 83 -8.64 -6.96 48.17
CA GLU B 83 -8.30 -5.79 49.01
C GLU B 83 -7.19 -4.96 48.33
N VAL B 84 -6.22 -5.57 47.66
CA VAL B 84 -5.15 -4.87 46.89
C VAL B 84 -5.82 -4.05 45.78
N LEU B 85 -6.80 -4.65 45.09
CA LEU B 85 -7.55 -3.98 43.98
C LEU B 85 -8.33 -2.81 44.56
N GLU B 86 -8.90 -2.94 45.76
CA GLU B 86 -9.66 -1.82 46.37
C GLU B 86 -8.67 -0.73 46.81
N LEU B 87 -7.55 -1.11 47.40
CA LEU B 87 -6.45 -0.17 47.75
C LEU B 87 -5.99 0.58 46.49
N LYS B 88 -5.81 -0.13 45.38
CA LYS B 88 -5.36 0.45 44.08
C LYS B 88 -6.40 1.44 43.55
N ASN B 89 -7.67 1.05 43.52
CA ASN B 89 -8.77 1.79 42.83
C ASN B 89 -9.25 2.97 43.70
N ASN B 90 -9.05 2.94 45.02
CA ASN B 90 -9.70 3.92 45.96
C ASN B 90 -8.73 4.99 46.46
N ASN B 91 -7.42 4.87 46.21
CA ASN B 91 -6.43 5.83 46.74
C ASN B 91 -5.56 6.32 45.58
N LEU B 92 -6.04 7.34 44.88
CA LEU B 92 -5.38 7.86 43.66
C LEU B 92 -4.61 9.13 44.01
N THR B 93 -3.46 9.35 43.36
CA THR B 93 -2.64 10.57 43.48
C THR B 93 -2.52 11.17 42.08
N PRO B 94 -2.25 12.49 41.95
CA PRO B 94 -2.09 13.10 40.63
C PRO B 94 -0.90 12.56 39.83
N VAL B 95 -1.12 12.34 38.53
CA VAL B 95 -0.08 11.96 37.55
C VAL B 95 0.62 13.25 37.12
N GLU B 96 1.94 13.27 37.22
CA GLU B 96 2.81 14.34 36.72
C GLU B 96 2.42 14.64 35.27
N LYS B 97 2.26 15.92 34.93
CA LYS B 97 1.82 16.34 33.58
C LYS B 97 3.04 16.32 32.64
N ASN B 98 3.55 15.12 32.38
CA ASN B 98 4.64 14.85 31.41
C ASN B 98 4.14 13.86 30.34
N LEU B 99 4.32 14.19 29.07
CA LEU B 99 4.22 13.24 27.93
C LEU B 99 5.64 12.86 27.55
N HIS B 100 5.89 11.57 27.51
CA HIS B 100 7.18 11.01 27.06
C HIS B 100 6.97 10.29 25.73
N PHE B 101 7.78 10.66 24.74
CA PHE B 101 8.00 9.95 23.47
C PHE B 101 9.46 9.53 23.43
N VAL B 102 9.77 8.54 22.61
CA VAL B 102 11.17 8.08 22.37
C VAL B 102 11.39 8.03 20.86
N TRP B 103 12.43 8.73 20.40
CA TRP B 103 12.93 8.53 19.02
C TRP B 103 14.44 8.44 19.07
N ILE B 104 14.96 7.21 18.99
CA ILE B 104 16.40 6.91 19.08
C ILE B 104 16.88 6.25 17.79
N GLY B 105 18.13 6.50 17.43
CA GLY B 105 18.91 5.76 16.44
C GLY B 105 19.03 6.51 15.12
N GLY B 106 18.42 7.66 14.98
CA GLY B 106 18.49 8.41 13.71
C GLY B 106 17.61 9.63 13.72
N GLN B 107 17.59 10.34 12.61
CA GLN B 107 16.78 11.56 12.42
C GLN B 107 15.30 11.20 12.63
N ILE B 108 14.56 12.10 13.27
CA ILE B 108 13.10 11.96 13.50
C ILE B 108 12.40 12.46 12.23
N ASN B 109 11.42 11.70 11.76
CA ASN B 109 10.62 11.97 10.54
C ASN B 109 9.58 13.05 10.85
N ASP B 110 9.19 13.84 9.84
CA ASP B 110 8.11 14.86 9.96
C ASP B 110 6.82 14.17 10.46
N THR B 111 6.58 12.91 10.08
CA THR B 111 5.34 12.16 10.43
C THR B 111 5.26 11.99 11.95
N ALA B 112 6.38 11.64 12.59
CA ALA B 112 6.48 11.53 14.07
C ALA B 112 6.16 12.89 14.71
N ILE B 113 6.80 13.94 14.22
CA ILE B 113 6.60 15.33 14.72
C ILE B 113 5.12 15.71 14.55
N ASN B 114 4.50 15.41 13.41
CA ASN B 114 3.10 15.78 13.14
C ASN B 114 2.18 15.07 14.15
N TYR B 115 2.47 13.82 14.54
CA TYR B 115 1.65 13.08 15.54
C TYR B 115 1.86 13.69 16.92
N ILE B 116 3.13 13.92 17.28
CA ILE B 116 3.51 14.55 18.58
C ILE B 116 2.82 15.91 18.73
N ASN B 117 2.81 16.72 17.67
CA ASN B 117 2.20 18.07 17.69
C ASN B 117 0.70 18.00 18.02
N GLN B 118 0.00 16.94 17.64
CA GLN B 118 -1.45 16.81 17.94
C GLN B 118 -1.62 16.76 19.46
N TRP B 119 -0.78 16.00 20.16
CA TRP B 119 -0.77 15.92 21.65
C TRP B 119 -0.45 17.29 22.26
N LYS B 120 0.59 17.97 21.77
CA LYS B 120 0.96 19.31 22.30
C LYS B 120 -0.25 20.24 22.19
N ASP B 121 -0.90 20.26 21.01
CA ASP B 121 -1.96 21.24 20.70
C ASP B 121 -3.12 21.12 21.70
N VAL B 122 -3.49 19.91 22.12
CA VAL B 122 -4.67 19.75 23.01
C VAL B 122 -4.24 19.39 24.45
N ASN B 123 -2.96 19.53 24.76
CA ASN B 123 -2.42 19.36 26.14
C ASN B 123 -1.38 20.45 26.41
N SER B 124 -1.77 21.73 26.32
CA SER B 124 -0.91 22.90 26.59
C SER B 124 -0.34 22.81 28.01
N ASP B 125 -1.06 22.18 28.93
CA ASP B 125 -0.67 22.03 30.36
C ASP B 125 0.32 20.87 30.55
N TYR B 126 0.76 20.16 29.50
CA TYR B 126 1.67 18.99 29.65
C TYR B 126 3.05 19.36 29.12
N ASN B 127 4.08 19.08 29.92
CA ASN B 127 5.50 19.12 29.50
C ASN B 127 5.75 17.92 28.59
N VAL B 128 6.40 18.12 27.45
CA VAL B 128 6.68 17.05 26.47
C VAL B 128 8.19 16.78 26.46
N ASN B 129 8.54 15.49 26.58
CA ASN B 129 9.90 14.98 26.34
C ASN B 129 9.87 14.10 25.09
N VAL B 130 10.71 14.38 24.11
CA VAL B 130 11.06 13.40 23.05
C VAL B 130 12.48 12.93 23.33
N PHE B 131 12.61 11.78 23.98
CA PHE B 131 13.92 11.17 24.35
C PHE B 131 14.63 10.74 23.08
N TYR B 132 15.89 11.15 22.96
CA TYR B 132 16.80 10.75 21.87
C TYR B 132 18.16 10.46 22.50
N ASP B 133 19.05 9.86 21.73
CA ASP B 133 20.43 9.55 22.18
C ASP B 133 21.38 10.31 21.25
N SER B 134 21.97 11.39 21.77
CA SER B 134 22.90 12.30 21.06
C SER B 134 24.17 11.57 20.63
N ASN B 135 24.43 10.38 21.15
CA ASN B 135 25.62 9.58 20.81
C ASN B 135 25.34 8.58 19.67
N ALA B 136 24.09 8.30 19.31
CA ALA B 136 23.75 7.16 18.43
C ALA B 136 22.77 7.58 17.31
N PHE B 137 22.99 8.72 16.66
CA PHE B 137 22.15 9.16 15.50
C PHE B 137 22.40 8.29 14.26
N LEU B 138 23.48 7.50 14.22
CA LEU B 138 23.87 6.74 13.01
C LEU B 138 23.54 5.26 13.08
N ILE B 139 22.88 4.78 14.13
CA ILE B 139 22.53 3.34 14.25
C ILE B 139 21.58 2.93 13.11
N ASN B 140 20.55 3.72 12.82
CA ASN B 140 19.57 3.40 11.73
C ASN B 140 20.34 3.35 10.41
N THR B 141 21.28 4.27 10.19
CA THR B 141 22.16 4.32 8.97
C THR B 141 23.04 3.07 8.93
N LEU B 142 23.64 2.68 10.04
CA LEU B 142 24.50 1.45 10.09
C LEU B 142 23.65 0.25 9.69
N LYS B 143 22.48 0.10 10.30
CA LYS B 143 21.59 -1.07 10.06
C LYS B 143 21.20 -1.11 8.57
N LYS B 144 20.75 0.02 8.03
CA LYS B 144 20.27 0.15 6.63
C LYS B 144 21.42 -0.25 5.69
N THR B 145 22.62 0.28 5.92
CA THR B 145 23.84 0.00 5.12
C THR B 145 24.11 -1.50 5.12
N VAL B 146 24.14 -2.10 6.31
CA VAL B 146 24.49 -3.54 6.48
C VAL B 146 23.41 -4.40 5.82
N VAL B 147 22.14 -4.05 5.97
CA VAL B 147 21.03 -4.89 5.43
C VAL B 147 21.08 -4.79 3.90
N GLU B 148 21.23 -3.58 3.35
CA GLU B 148 21.36 -3.31 1.89
C GLU B 148 22.55 -4.12 1.33
N SER B 149 23.69 -4.07 2.01
CA SER B 149 24.89 -4.86 1.65
C SER B 149 24.54 -6.35 1.63
N ALA B 150 23.81 -6.85 2.64
CA ALA B 150 23.51 -8.30 2.77
C ALA B 150 22.48 -8.72 1.70
N ILE B 151 21.58 -7.80 1.33
CA ILE B 151 20.60 -7.98 0.22
C ILE B 151 21.38 -8.18 -1.09
N ASN B 152 22.26 -7.23 -1.42
CA ASN B 152 23.13 -7.26 -2.63
C ASN B 152 23.94 -8.55 -2.66
N ASP B 153 24.57 -8.93 -1.54
CA ASP B 153 25.46 -10.11 -1.47
C ASP B 153 24.62 -11.38 -1.66
N THR B 154 23.40 -11.44 -1.15
CA THR B 154 22.51 -12.61 -1.32
C THR B 154 22.08 -12.73 -2.80
N LEU B 155 21.62 -11.62 -3.38
CA LEU B 155 21.13 -11.60 -4.78
C LEU B 155 22.30 -11.95 -5.71
N GLU B 156 23.47 -11.38 -5.43
CA GLU B 156 24.74 -11.68 -6.16
C GLU B 156 24.99 -13.20 -6.09
N SER B 157 24.97 -13.78 -4.89
CA SER B 157 25.22 -15.22 -4.63
C SER B 157 24.26 -16.10 -5.45
N PHE B 158 23.03 -15.66 -5.69
CA PHE B 158 21.97 -16.44 -6.37
C PHE B 158 21.59 -15.78 -7.70
N ARG B 159 22.51 -15.03 -8.30
CA ARG B 159 22.26 -14.24 -9.55
C ARG B 159 21.72 -15.20 -10.63
N GLU B 160 22.30 -16.39 -10.77
CA GLU B 160 21.92 -17.37 -11.82
C GLU B 160 20.50 -17.92 -11.57
N ASN B 161 20.07 -17.96 -10.30
CA ASN B 161 18.81 -18.64 -9.85
C ASN B 161 17.66 -17.63 -9.69
N LEU B 162 17.79 -16.38 -10.16
CA LEU B 162 16.78 -15.32 -9.88
C LEU B 162 15.50 -15.56 -10.68
N ASN B 163 15.60 -16.21 -11.84
CA ASN B 163 14.48 -16.63 -12.71
C ASN B 163 13.82 -17.92 -12.18
N ASP B 164 14.43 -18.58 -11.19
CA ASP B 164 14.05 -19.92 -10.67
C ASP B 164 13.07 -19.75 -9.52
N PRO B 165 11.82 -20.26 -9.63
CA PRO B 165 10.83 -20.06 -8.57
C PRO B 165 11.20 -20.73 -7.22
N ARG B 166 12.10 -21.71 -7.22
CA ARG B 166 12.57 -22.40 -5.99
C ARG B 166 13.54 -21.51 -5.22
N PHE B 167 14.11 -20.46 -5.85
CA PHE B 167 14.78 -19.33 -5.12
C PHE B 167 13.67 -18.41 -4.58
N ASP B 168 13.02 -18.87 -3.51
CA ASP B 168 11.81 -18.28 -2.89
C ASP B 168 12.26 -17.33 -1.77
N TYR B 169 11.28 -16.58 -1.24
CA TYR B 169 11.51 -15.54 -0.19
C TYR B 169 12.13 -16.21 1.05
N ASN B 170 11.73 -17.46 1.36
CA ASN B 170 12.24 -18.25 2.51
C ASN B 170 13.75 -18.39 2.40
N LYS B 171 14.21 -18.96 1.28
CA LYS B 171 15.65 -19.21 0.99
C LYS B 171 16.41 -17.89 1.04
N PHE B 172 15.84 -16.82 0.46
CA PHE B 172 16.47 -15.46 0.42
C PHE B 172 16.70 -14.92 1.83
N PHE B 173 15.71 -14.99 2.71
CA PHE B 173 15.81 -14.41 4.07
C PHE B 173 16.78 -15.25 4.92
N ARG B 174 16.81 -16.58 4.73
CA ARG B 174 17.70 -17.51 5.45
C ARG B 174 19.17 -17.14 5.12
N LYS B 175 19.49 -17.06 3.84
CA LYS B 175 20.85 -16.75 3.35
C LYS B 175 21.23 -15.32 3.78
N ARG B 176 20.31 -14.37 3.69
CA ARG B 176 20.61 -12.95 4.02
C ARG B 176 20.95 -12.85 5.51
N MET B 177 20.27 -13.62 6.35
CA MET B 177 20.46 -13.58 7.82
C MET B 177 21.90 -14.00 8.16
N GLU B 178 22.40 -15.06 7.51
CA GLU B 178 23.78 -15.57 7.65
C GLU B 178 24.76 -14.41 7.43
N ILE B 179 24.52 -13.59 6.42
CA ILE B 179 25.42 -12.49 6.02
C ILE B 179 25.26 -11.33 7.00
N ILE B 180 24.02 -11.05 7.41
CA ILE B 180 23.74 -9.94 8.37
C ILE B 180 24.47 -10.27 9.68
N TYR B 181 24.36 -11.52 10.16
CA TYR B 181 24.97 -11.95 11.44
C TYR B 181 26.48 -11.74 11.39
N ASP B 182 27.14 -12.09 10.28
CA ASP B 182 28.61 -11.95 10.15
C ASP B 182 28.96 -10.46 10.18
N LYS B 183 28.13 -9.60 9.58
CA LYS B 183 28.40 -8.15 9.50
C LYS B 183 28.16 -7.51 10.88
N GLN B 184 27.16 -7.98 11.63
CA GLN B 184 26.90 -7.53 13.03
C GLN B 184 28.08 -7.90 13.94
N LYS B 185 28.59 -9.13 13.81
CA LYS B 185 29.78 -9.61 14.55
C LYS B 185 30.99 -8.75 14.17
N ASN B 186 31.20 -8.53 12.87
CA ASN B 186 32.32 -7.70 12.37
C ASN B 186 32.23 -6.32 13.03
N PHE B 187 31.04 -5.70 13.04
CA PHE B 187 30.85 -4.34 13.62
C PHE B 187 31.15 -4.35 15.13
N ILE B 188 30.59 -5.29 15.90
CA ILE B 188 30.69 -5.24 17.39
C ILE B 188 32.15 -5.52 17.80
N ASN B 189 32.88 -6.36 17.05
CA ASN B 189 34.31 -6.65 17.32
C ASN B 189 35.12 -5.38 17.08
N TYR B 190 34.77 -4.60 16.05
CA TYR B 190 35.39 -3.28 15.78
C TYR B 190 35.05 -2.31 16.93
N TYR B 191 33.76 -2.19 17.25
CA TYR B 191 33.25 -1.27 18.30
C TYR B 191 34.02 -1.49 19.61
N LYS B 192 34.10 -2.73 20.06
CA LYS B 192 34.68 -3.09 21.38
C LYS B 192 36.20 -2.89 21.34
N ALA B 193 36.84 -3.20 20.20
CA ALA B 193 38.28 -2.91 19.98
C ALA B 193 38.50 -1.39 20.12
N GLN B 194 37.73 -0.57 19.43
CA GLN B 194 37.84 0.91 19.48
C GLN B 194 37.59 1.43 20.88
N ARG B 195 36.53 0.97 21.57
CA ARG B 195 36.13 1.48 22.92
C ARG B 195 37.27 1.26 23.93
N GLU B 196 38.03 0.18 23.73
CA GLU B 196 39.07 -0.31 24.66
C GLU B 196 40.34 0.51 24.45
N GLU B 197 40.77 0.71 23.20
CA GLU B 197 41.98 1.50 22.90
C GLU B 197 41.66 3.02 22.96
N ASN B 198 40.41 3.47 22.70
CA ASN B 198 40.04 4.91 22.69
C ASN B 198 38.72 5.09 23.45
N PRO B 199 38.75 5.01 24.79
CA PRO B 199 37.53 5.04 25.60
C PRO B 199 36.72 6.35 25.52
N GLU B 200 37.28 7.42 24.95
CA GLU B 200 36.56 8.71 24.74
C GLU B 200 35.65 8.66 23.49
N LEU B 201 35.80 7.67 22.60
CA LEU B 201 34.98 7.60 21.36
C LEU B 201 33.54 7.25 21.73
N ILE B 202 32.58 8.03 21.22
CA ILE B 202 31.12 7.76 21.34
C ILE B 202 30.72 6.87 20.16
N ILE B 203 29.57 6.24 20.30
CA ILE B 203 28.96 5.35 19.27
C ILE B 203 29.10 5.95 17.87
N ASP B 204 28.63 7.18 17.63
CA ASP B 204 28.58 7.79 16.29
C ASP B 204 30.00 7.97 15.74
N ASP B 205 31.01 8.19 16.59
CA ASP B 205 32.43 8.29 16.14
C ASP B 205 32.82 6.96 15.50
N ILE B 206 32.57 5.86 16.20
CA ILE B 206 33.02 4.51 15.76
C ILE B 206 32.22 4.14 14.51
N VAL B 207 30.93 4.42 14.53
CA VAL B 207 30.01 4.08 13.40
C VAL B 207 30.40 4.85 12.16
N LYS B 208 30.66 6.17 12.23
CA LYS B 208 31.00 6.94 11.00
C LYS B 208 32.36 6.48 10.45
N THR B 209 33.30 6.08 11.30
CA THR B 209 34.64 5.56 10.85
C THR B 209 34.45 4.18 10.21
N TYR B 210 33.64 3.31 10.84
CA TYR B 210 33.32 1.96 10.34
C TYR B 210 32.69 2.08 8.94
N LEU B 211 31.71 2.98 8.79
CA LEU B 211 30.95 3.18 7.52
C LEU B 211 31.86 3.75 6.44
N SER B 212 32.65 4.76 6.80
CA SER B 212 33.67 5.35 5.89
C SER B 212 34.60 4.24 5.41
N ASN B 213 35.18 3.49 6.34
CA ASN B 213 36.23 2.47 6.04
C ASN B 213 35.65 1.28 5.24
N GLU B 214 34.48 0.76 5.62
CA GLU B 214 33.98 -0.55 5.16
C GLU B 214 32.90 -0.39 4.07
N TYR B 215 32.23 0.76 3.98
CA TYR B 215 31.03 0.87 3.12
C TYR B 215 31.04 2.16 2.31
N SER B 216 32.20 2.83 2.19
CA SER B 216 32.40 3.97 1.27
C SER B 216 31.42 5.11 1.56
N LYS B 217 31.02 5.32 2.82
CA LYS B 217 30.14 6.45 3.18
C LYS B 217 31.03 7.70 3.35
N GLU B 218 30.49 8.88 3.06
CA GLU B 218 31.18 10.19 3.19
C GLU B 218 31.04 10.68 4.63
N ILE B 219 32.14 10.78 5.39
CA ILE B 219 32.10 11.28 6.79
C ILE B 219 31.53 12.71 6.80
N ASP B 220 31.82 13.52 5.78
CA ASP B 220 31.30 14.90 5.73
C ASP B 220 29.77 14.85 5.78
N GLU B 221 29.15 13.96 5.00
CA GLU B 221 27.66 13.87 4.85
C GLU B 221 27.08 13.24 6.12
N LEU B 222 27.79 12.28 6.73
CA LEU B 222 27.39 11.66 8.02
C LEU B 222 27.40 12.74 9.11
N ASN B 223 28.42 13.60 9.14
CA ASN B 223 28.51 14.71 10.13
C ASN B 223 27.34 15.68 9.92
N THR B 224 27.05 16.09 8.68
CA THR B 224 25.87 16.91 8.33
C THR B 224 24.59 16.24 8.88
N TYR B 225 24.42 14.94 8.63
CA TYR B 225 23.23 14.17 9.06
C TYR B 225 23.09 14.27 10.59
N ILE B 226 24.17 14.03 11.32
CA ILE B 226 24.15 14.13 12.81
C ILE B 226 23.71 15.55 13.20
N GLU B 227 24.31 16.57 12.61
CA GLU B 227 24.06 18.00 12.96
C GLU B 227 22.57 18.32 12.70
N GLU B 228 22.02 17.89 11.57
CA GLU B 228 20.59 18.15 11.20
C GLU B 228 19.67 17.37 12.15
N SER B 229 20.05 16.15 12.53
CA SER B 229 19.31 15.27 13.49
C SER B 229 19.24 15.94 14.87
N LEU B 230 20.38 16.39 15.38
CA LEU B 230 20.49 17.12 16.68
C LEU B 230 19.66 18.40 16.61
N ASN B 231 19.75 19.14 15.51
CA ASN B 231 19.05 20.43 15.33
C ASN B 231 17.54 20.18 15.39
N LYS B 232 17.07 19.17 14.67
CA LYS B 232 15.62 18.88 14.47
C LYS B 232 15.00 18.39 15.80
N ILE B 233 15.69 17.51 16.51
CA ILE B 233 15.14 16.95 17.78
C ILE B 233 15.14 18.07 18.84
N THR B 234 16.22 18.84 18.91
CA THR B 234 16.39 19.98 19.86
C THR B 234 15.23 20.98 19.67
N GLN B 235 14.74 21.12 18.44
CA GLN B 235 13.65 22.06 18.09
C GLN B 235 12.29 21.44 18.42
N ASN B 236 12.25 20.16 18.80
CA ASN B 236 10.98 19.39 18.99
C ASN B 236 11.04 18.65 20.34
N SER B 237 11.36 19.37 21.42
CA SER B 237 11.25 18.93 22.83
C SER B 237 12.25 17.80 23.12
N GLY B 238 13.32 17.73 22.35
CA GLY B 238 14.44 16.81 22.56
C GLY B 238 14.87 16.73 24.03
N ASN B 239 15.03 15.50 24.53
CA ASN B 239 15.59 15.22 25.87
C ASN B 239 16.60 14.08 25.70
N ASP B 240 17.88 14.39 25.94
CA ASP B 240 19.03 13.49 25.66
C ASP B 240 19.13 12.46 26.78
N VAL B 241 19.10 11.18 26.38
CA VAL B 241 19.38 9.99 27.22
C VAL B 241 20.73 10.20 27.92
N ARG B 242 21.69 10.83 27.25
CA ARG B 242 23.06 10.99 27.78
C ARG B 242 23.10 11.99 28.94
N ASN B 243 22.02 12.70 29.24
CA ASN B 243 21.92 13.59 30.45
C ASN B 243 21.03 12.96 31.52
N PHE B 244 20.48 11.77 31.29
CA PHE B 244 19.53 11.08 32.20
C PHE B 244 20.36 10.17 33.13
N GLU B 245 20.83 10.74 34.24
CA GLU B 245 21.91 10.14 35.07
C GLU B 245 21.43 8.87 35.75
N GLU B 246 20.19 8.85 36.28
CA GLU B 246 19.65 7.69 37.01
C GLU B 246 19.56 6.51 36.05
N PHE B 247 19.22 6.75 34.79
CA PHE B 247 19.14 5.68 33.76
C PHE B 247 20.57 5.20 33.44
N LYS B 248 21.49 6.12 33.18
CA LYS B 248 22.91 5.82 32.83
C LYS B 248 23.54 5.01 33.97
N ASN B 249 23.21 5.32 35.22
CA ASN B 249 23.85 4.71 36.41
C ASN B 249 23.18 3.39 36.77
N GLY B 250 22.00 3.09 36.22
CA GLY B 250 21.21 1.92 36.63
C GLY B 250 21.61 0.66 35.90
N GLU B 251 21.12 -0.48 36.38
CA GLU B 251 21.47 -1.83 35.86
C GLU B 251 20.69 -2.15 34.57
N SER B 252 19.89 -1.23 34.04
CA SER B 252 19.20 -1.46 32.75
C SER B 252 19.93 -0.72 31.63
N PHE B 253 20.90 0.14 31.93
CA PHE B 253 21.62 0.92 30.89
C PHE B 253 22.39 0.00 29.96
N ASN B 254 22.99 -1.06 30.53
CA ASN B 254 23.76 -2.06 29.75
C ASN B 254 22.82 -2.81 28.80
N LEU B 255 21.58 -3.03 29.21
CA LEU B 255 20.56 -3.69 28.35
C LEU B 255 20.17 -2.74 27.21
N TYR B 256 19.97 -1.47 27.49
CA TYR B 256 19.67 -0.44 26.46
C TYR B 256 20.77 -0.46 25.40
N GLU B 257 22.03 -0.42 25.83
CA GLU B 257 23.22 -0.30 24.95
C GLU B 257 23.42 -1.63 24.19
N GLN B 258 23.06 -2.76 24.80
CA GLN B 258 23.05 -4.07 24.08
C GLN B 258 22.09 -3.97 22.88
N GLU B 259 20.88 -3.47 23.09
CA GLU B 259 19.85 -3.42 22.01
C GLU B 259 20.27 -2.38 20.97
N LEU B 260 20.76 -1.23 21.42
CA LEU B 260 21.14 -0.09 20.57
C LEU B 260 22.33 -0.47 19.68
N VAL B 261 23.40 -1.03 20.27
CA VAL B 261 24.72 -1.13 19.59
C VAL B 261 24.97 -2.53 19.01
N GLU B 262 24.58 -3.59 19.72
CA GLU B 262 24.83 -5.00 19.26
C GLU B 262 23.70 -5.45 18.32
N ARG B 263 22.44 -5.21 18.69
CA ARG B 263 21.28 -5.83 17.98
C ARG B 263 20.63 -4.83 17.02
N TRP B 264 20.85 -3.52 17.20
CA TRP B 264 20.28 -2.42 16.37
C TRP B 264 18.75 -2.48 16.46
N ASN B 265 18.21 -2.85 17.63
CA ASN B 265 16.74 -2.99 17.84
C ASN B 265 16.30 -1.76 18.64
N LEU B 266 15.81 -0.73 17.93
CA LEU B 266 15.46 0.56 18.56
C LEU B 266 14.13 0.40 19.29
N ALA B 267 13.29 -0.55 18.91
CA ALA B 267 12.03 -0.83 19.64
C ALA B 267 12.38 -1.37 21.03
N ALA B 268 13.28 -2.34 21.11
CA ALA B 268 13.73 -2.94 22.40
C ALA B 268 14.40 -1.85 23.25
N ALA B 269 15.27 -1.04 22.67
CA ALA B 269 15.99 0.04 23.39
C ALA B 269 14.96 1.02 23.93
N SER B 270 13.95 1.37 23.12
CA SER B 270 12.82 2.24 23.54
C SER B 270 12.03 1.58 24.67
N ASP B 271 11.80 0.27 24.61
CA ASP B 271 11.09 -0.47 25.69
C ASP B 271 11.80 -0.28 27.03
N ILE B 272 13.12 -0.32 27.01
CA ILE B 272 13.97 -0.32 28.24
C ILE B 272 13.96 1.10 28.79
N LEU B 273 14.18 2.07 27.90
CA LEU B 273 14.22 3.50 28.26
C LEU B 273 12.84 3.97 28.76
N ARG B 274 11.73 3.59 28.12
CA ARG B 274 10.43 4.26 28.45
C ARG B 274 10.04 4.00 29.91
N ILE B 275 10.25 2.78 30.39
CA ILE B 275 9.81 2.39 31.77
C ILE B 275 10.73 3.08 32.79
N SER B 276 12.01 3.28 32.49
CA SER B 276 12.90 4.04 33.39
C SER B 276 12.47 5.50 33.42
N ALA B 277 12.08 6.09 32.28
CA ALA B 277 11.56 7.48 32.26
C ALA B 277 10.31 7.61 33.15
N LEU B 278 9.37 6.67 33.06
CA LEU B 278 8.13 6.73 33.89
C LEU B 278 8.50 6.61 35.36
N LYS B 279 9.33 5.64 35.72
CA LYS B 279 9.74 5.37 37.12
C LYS B 279 10.37 6.66 37.70
N GLU B 280 11.23 7.32 36.94
CA GLU B 280 12.08 8.42 37.44
C GLU B 280 11.31 9.75 37.40
N ILE B 281 10.36 9.92 36.48
CA ILE B 281 9.77 11.27 36.22
C ILE B 281 8.25 11.23 36.45
N GLY B 282 7.59 10.13 36.11
CA GLY B 282 6.12 10.05 36.08
C GLY B 282 5.55 10.67 34.83
N GLY B 283 4.30 10.32 34.53
CA GLY B 283 3.51 10.91 33.43
C GLY B 283 2.91 9.84 32.54
N MET B 284 2.87 10.13 31.25
CA MET B 284 2.29 9.22 30.24
C MET B 284 3.32 9.01 29.13
N TYR B 285 3.64 7.76 28.82
CA TYR B 285 4.50 7.40 27.67
C TYR B 285 3.60 7.13 26.46
N LEU B 286 4.03 7.55 25.27
CA LEU B 286 3.32 7.27 23.99
C LEU B 286 4.32 6.91 22.90
N ASP B 287 4.04 5.86 22.15
CA ASP B 287 4.70 5.59 20.84
C ASP B 287 4.37 6.77 19.92
N VAL B 288 5.32 7.13 19.05
CA VAL B 288 5.18 8.28 18.11
C VAL B 288 4.09 8.01 17.07
N ASP B 289 3.53 6.80 17.01
CA ASP B 289 2.41 6.46 16.08
C ASP B 289 1.06 6.55 16.79
N MET B 290 1.01 7.06 18.02
CA MET B 290 -0.26 7.21 18.77
C MET B 290 -0.80 8.63 18.59
N LEU B 291 -2.12 8.78 18.51
CA LEU B 291 -2.78 10.11 18.46
C LEU B 291 -3.71 10.28 19.67
N PRO B 292 -4.03 11.53 20.07
CA PRO B 292 -5.00 11.77 21.12
C PRO B 292 -6.36 11.11 20.87
N GLY B 293 -7.07 10.80 21.93
CA GLY B 293 -8.44 10.24 21.87
C GLY B 293 -9.33 11.22 21.14
N ILE B 294 -10.29 10.71 20.37
CA ILE B 294 -11.33 11.55 19.71
C ILE B 294 -12.42 11.86 20.75
N GLN B 295 -12.87 13.12 20.79
CA GLN B 295 -14.04 13.54 21.60
C GLN B 295 -15.12 12.49 21.43
N PRO B 296 -15.61 11.90 22.53
CA PRO B 296 -16.55 10.78 22.43
C PRO B 296 -17.85 11.11 21.69
N ASP B 297 -18.24 12.40 21.64
CA ASP B 297 -19.53 12.81 21.04
C ASP B 297 -19.36 13.11 19.54
N LEU B 298 -18.12 13.35 19.08
CA LEU B 298 -17.85 13.92 17.74
C LEU B 298 -18.70 13.22 16.67
N PHE B 299 -18.70 11.89 16.64
CA PHE B 299 -19.33 11.08 15.55
C PHE B 299 -20.45 10.21 16.12
N GLU B 300 -20.99 10.58 17.28
CA GLU B 300 -22.12 9.86 17.93
C GLU B 300 -23.30 9.79 16.95
N SER B 301 -23.53 10.83 16.12
CA SER B 301 -24.65 10.93 15.15
C SER B 301 -24.49 9.96 13.97
N ILE B 302 -23.28 9.42 13.73
CA ILE B 302 -23.00 8.50 12.59
C ILE B 302 -22.83 7.08 13.16
N GLU B 303 -23.73 6.17 12.81
CA GLU B 303 -23.74 4.79 13.35
C GLU B 303 -22.75 3.94 12.57
N LYS B 304 -21.94 3.13 13.27
CA LYS B 304 -21.04 2.15 12.62
C LYS B 304 -21.88 1.17 11.81
N PRO B 305 -21.59 0.96 10.51
CA PRO B 305 -22.18 -0.16 9.77
C PRO B 305 -21.93 -1.48 10.51
N SER B 306 -22.94 -2.36 10.56
CA SER B 306 -22.90 -3.65 11.30
C SER B 306 -21.87 -4.59 10.67
N SER B 307 -21.71 -4.56 9.35
CA SER B 307 -20.92 -5.57 8.59
C SER B 307 -19.42 -5.23 8.61
N VAL B 308 -19.03 -4.10 9.20
CA VAL B 308 -17.62 -3.56 9.15
C VAL B 308 -16.92 -3.75 10.52
N THR B 309 -15.59 -3.85 10.59
CA THR B 309 -14.90 -4.08 11.90
C THR B 309 -14.83 -2.78 12.70
N VAL B 310 -14.66 -2.91 14.02
CA VAL B 310 -14.32 -1.77 14.90
C VAL B 310 -13.05 -1.08 14.38
N ASP B 311 -12.02 -1.83 14.02
CA ASP B 311 -10.73 -1.25 13.52
C ASP B 311 -10.98 -0.42 12.24
N PHE B 312 -11.78 -0.93 11.30
CA PHE B 312 -12.09 -0.18 10.06
C PHE B 312 -12.74 1.16 10.43
N TRP B 313 -13.67 1.11 11.39
CA TRP B 313 -14.52 2.27 11.77
C TRP B 313 -13.64 3.30 12.48
N GLU B 314 -12.78 2.84 13.40
CA GLU B 314 -11.84 3.73 14.12
C GLU B 314 -10.85 4.37 13.13
N MET B 315 -10.34 3.64 12.14
CA MET B 315 -9.40 4.23 11.16
C MET B 315 -10.15 5.26 10.32
N THR B 316 -11.41 4.98 9.94
CA THR B 316 -12.17 5.90 9.04
C THR B 316 -12.42 7.22 9.78
N LYS B 317 -12.67 7.18 11.09
CA LYS B 317 -12.89 8.41 11.90
C LYS B 317 -11.65 9.30 11.82
N LEU B 318 -10.44 8.77 12.09
CA LEU B 318 -9.18 9.57 11.98
C LEU B 318 -8.98 10.03 10.53
N GLU B 319 -9.25 9.18 9.54
CA GLU B 319 -9.06 9.53 8.10
C GLU B 319 -10.04 10.66 7.72
N ALA B 320 -11.27 10.63 8.22
CA ALA B 320 -12.26 11.72 8.00
C ALA B 320 -11.68 13.03 8.55
N ILE B 321 -11.20 13.00 9.80
CA ILE B 321 -10.61 14.19 10.47
C ILE B 321 -9.49 14.73 9.60
N MET B 322 -8.56 13.86 9.18
CA MET B 322 -7.36 14.34 8.44
C MET B 322 -7.76 14.77 7.01
N LYS B 323 -8.79 14.19 6.41
CA LYS B 323 -9.19 14.57 5.02
C LYS B 323 -9.70 16.02 5.04
N TYR B 324 -10.63 16.33 5.95
CA TYR B 324 -11.35 17.64 6.00
C TYR B 324 -10.60 18.69 6.84
N LYS B 325 -9.83 18.33 7.86
CA LYS B 325 -9.13 19.33 8.72
C LYS B 325 -7.65 19.41 8.35
N GLU B 326 -7.10 18.38 7.71
CA GLU B 326 -5.72 18.36 7.15
C GLU B 326 -4.68 18.64 8.25
N TYR B 327 -4.93 18.25 9.49
CA TYR B 327 -4.01 18.48 10.65
C TYR B 327 -2.68 17.78 10.38
N ILE B 328 -2.74 16.58 9.80
CA ILE B 328 -1.53 15.79 9.44
C ILE B 328 -1.51 15.65 7.92
N PRO B 329 -0.56 16.30 7.22
CA PRO B 329 -0.56 16.26 5.76
C PRO B 329 -0.28 14.86 5.25
N GLU B 330 -0.91 14.48 4.12
CA GLU B 330 -0.62 13.23 3.37
C GLU B 330 -1.09 12.01 4.19
N TYR B 331 -1.96 12.20 5.18
CA TYR B 331 -2.64 11.09 5.88
C TYR B 331 -3.49 10.33 4.85
N THR B 332 -3.48 9.01 4.95
CA THR B 332 -4.22 8.12 4.02
C THR B 332 -5.73 8.38 4.14
N SER B 333 -6.47 8.11 3.06
CA SER B 333 -7.95 8.07 3.09
C SER B 333 -8.43 6.71 2.56
N GLU B 334 -7.62 5.65 2.69
CA GLU B 334 -7.88 4.35 2.01
C GLU B 334 -9.14 3.70 2.61
N HIS B 335 -9.47 3.92 3.88
CA HIS B 335 -10.67 3.33 4.51
C HIS B 335 -11.88 4.24 4.26
N PHE B 336 -11.74 5.53 4.48
CA PHE B 336 -12.80 6.55 4.24
C PHE B 336 -13.31 6.45 2.80
N ASP B 337 -12.41 6.27 1.83
CA ASP B 337 -12.74 6.14 0.38
C ASP B 337 -13.58 4.87 0.09
N MET B 338 -13.69 3.92 1.02
CA MET B 338 -14.49 2.68 0.84
C MET B 338 -15.98 2.95 1.12
N LEU B 339 -16.30 4.10 1.73
CA LEU B 339 -17.70 4.43 2.15
C LEU B 339 -18.45 5.12 1.00
N ASP B 340 -19.76 4.89 0.90
CA ASP B 340 -20.58 5.54 -0.17
C ASP B 340 -20.66 7.05 0.14
N GLU B 341 -21.13 7.83 -0.84
CA GLU B 341 -21.21 9.31 -0.77
C GLU B 341 -22.08 9.71 0.43
N GLU B 342 -23.13 8.95 0.77
CA GLU B 342 -24.05 9.29 1.90
C GLU B 342 -23.26 9.35 3.21
N VAL B 343 -22.50 8.29 3.50
CA VAL B 343 -21.74 8.19 4.78
C VAL B 343 -20.61 9.22 4.77
N GLN B 344 -19.93 9.39 3.65
CA GLN B 344 -18.85 10.38 3.50
C GLN B 344 -19.38 11.79 3.79
N SER B 345 -20.60 12.11 3.31
CA SER B 345 -21.18 13.47 3.47
C SER B 345 -21.53 13.72 4.94
N SER B 346 -21.96 12.69 5.68
CA SER B 346 -22.26 12.75 7.12
C SER B 346 -21.02 13.16 7.91
N PHE B 347 -19.86 12.57 7.56
CA PHE B 347 -18.54 12.89 8.17
C PHE B 347 -18.18 14.33 7.82
N GLU B 348 -18.31 14.69 6.55
CA GLU B 348 -17.96 16.05 6.08
C GLU B 348 -18.80 17.10 6.84
N SER B 349 -20.10 16.87 6.99
CA SER B 349 -21.01 17.88 7.58
C SER B 349 -20.75 17.95 9.10
N VAL B 350 -20.50 16.83 9.78
CA VAL B 350 -20.08 16.83 11.22
C VAL B 350 -18.85 17.72 11.34
N LEU B 351 -17.83 17.52 10.50
CA LEU B 351 -16.54 18.22 10.68
C LEU B 351 -16.62 19.68 10.21
N ALA B 352 -17.54 20.03 9.31
CA ALA B 352 -17.66 21.41 8.78
C ALA B 352 -18.14 22.35 9.89
N SER B 353 -18.77 21.80 10.94
CA SER B 353 -19.34 22.57 12.07
C SER B 353 -18.45 22.50 13.30
N LYS B 354 -17.15 22.19 13.14
CA LYS B 354 -16.13 22.21 14.23
C LYS B 354 -14.95 23.05 13.76
N SER B 355 -14.64 24.14 14.45
CA SER B 355 -13.61 25.12 14.01
C SER B 355 -12.33 24.96 14.83
N ASP B 356 -12.36 24.28 15.98
CA ASP B 356 -11.16 24.13 16.85
C ASP B 356 -10.84 22.65 17.08
N LYS B 357 -9.54 22.33 17.11
CA LYS B 357 -8.98 20.96 17.33
C LYS B 357 -9.45 20.41 18.68
N SER B 358 -9.72 21.25 19.68
CA SER B 358 -10.24 20.82 21.01
C SER B 358 -11.66 20.25 20.90
N GLU B 359 -12.37 20.52 19.79
CA GLU B 359 -13.72 19.94 19.56
C GLU B 359 -13.59 18.58 18.85
N ILE B 360 -12.38 18.26 18.38
CA ILE B 360 -12.07 17.01 17.61
C ILE B 360 -11.35 16.04 18.56
N PHE B 361 -10.20 16.45 19.10
CA PHE B 361 -9.37 15.63 20.03
C PHE B 361 -9.61 16.07 21.47
N SER B 362 -9.83 15.09 22.37
CA SER B 362 -9.96 15.29 23.82
C SER B 362 -8.57 15.57 24.44
N SER B 363 -8.58 16.17 25.62
CA SER B 363 -7.38 16.51 26.42
C SER B 363 -7.24 15.46 27.52
N LEU B 364 -6.02 15.24 28.01
CA LEU B 364 -5.75 14.32 29.14
C LEU B 364 -6.25 14.96 30.44
N GLY B 365 -6.04 16.27 30.58
CA GLY B 365 -6.42 17.04 31.78
C GLY B 365 -5.72 16.54 33.04
N ASP B 366 -6.44 16.52 34.15
CA ASP B 366 -5.88 16.16 35.48
C ASP B 366 -6.11 14.67 35.66
N MET B 367 -5.06 13.86 35.49
CA MET B 367 -5.22 12.40 35.57
C MET B 367 -4.76 11.95 36.95
N GLU B 368 -5.33 10.86 37.45
CA GLU B 368 -4.83 10.27 38.72
C GLU B 368 -4.74 8.77 38.57
N ALA B 369 -3.86 8.17 39.37
CA ALA B 369 -3.55 6.73 39.36
C ALA B 369 -3.07 6.32 40.74
N SER B 370 -3.06 5.01 41.00
CA SER B 370 -2.53 4.43 42.26
C SER B 370 -1.01 4.55 42.29
N PRO B 371 -0.43 4.88 43.46
CA PRO B 371 1.02 4.72 43.67
C PRO B 371 1.50 3.30 43.39
N LEU B 372 0.60 2.31 43.36
CA LEU B 372 0.97 0.89 43.12
C LEU B 372 1.21 0.60 41.63
N GLU B 373 0.57 1.35 40.71
CA GLU B 373 0.28 0.79 39.37
C GLU B 373 1.04 1.51 38.25
N VAL B 374 1.14 0.79 37.14
CA VAL B 374 1.34 1.36 35.79
C VAL B 374 0.14 0.93 34.97
N LYS B 375 -0.57 1.89 34.36
CA LYS B 375 -1.71 1.61 33.46
C LYS B 375 -1.16 1.42 32.04
N ILE B 376 -1.75 0.50 31.27
CA ILE B 376 -1.22 0.11 29.93
C ILE B 376 -2.38 0.14 28.93
N ALA B 377 -2.06 0.47 27.68
CA ALA B 377 -3.00 0.41 26.55
C ALA B 377 -3.34 -1.05 26.30
N PHE B 378 -4.41 -1.31 25.54
CA PHE B 378 -4.87 -2.67 25.22
C PHE B 378 -5.51 -2.64 23.84
N ASN B 379 -5.54 -3.79 23.19
CA ASN B 379 -6.29 -4.03 21.93
C ASN B 379 -6.92 -5.41 22.05
N SER B 380 -7.58 -5.90 21.01
CA SER B 380 -8.28 -7.22 21.02
C SER B 380 -7.28 -8.34 21.29
N LYS B 381 -5.99 -8.16 20.99
CA LYS B 381 -4.90 -9.17 21.21
C LYS B 381 -4.41 -9.15 22.66
N GLY B 382 -4.64 -8.07 23.42
CA GLY B 382 -4.26 -7.98 24.84
C GLY B 382 -3.58 -6.67 25.15
N ILE B 383 -2.79 -6.61 26.23
CA ILE B 383 -2.14 -5.35 26.66
C ILE B 383 -1.01 -5.03 25.67
N ILE B 384 -0.72 -3.74 25.53
CA ILE B 384 0.33 -3.25 24.61
C ILE B 384 0.93 -1.95 25.18
N ASN B 385 2.26 -1.91 25.26
CA ASN B 385 3.02 -0.85 25.99
C ASN B 385 3.25 0.36 25.07
N GLN B 386 2.41 0.57 24.06
CA GLN B 386 2.45 1.75 23.16
C GLN B 386 1.86 2.97 23.88
N GLY B 387 1.14 2.70 24.98
CA GLY B 387 0.64 3.72 25.91
C GLY B 387 0.79 3.27 27.35
N LEU B 388 1.35 4.11 28.21
CA LEU B 388 1.57 3.82 29.66
C LEU B 388 1.25 5.07 30.48
N ILE B 389 0.63 4.91 31.64
CA ILE B 389 0.46 6.03 32.62
C ILE B 389 1.02 5.57 33.96
N SER B 390 1.78 6.41 34.65
CA SER B 390 2.34 6.09 35.99
C SER B 390 2.65 7.37 36.75
N VAL B 391 2.36 7.38 38.05
CA VAL B 391 2.97 8.38 38.96
C VAL B 391 4.45 8.01 39.06
N LYS B 392 5.28 9.00 39.37
CA LYS B 392 6.74 8.84 39.69
C LYS B 392 6.91 7.72 40.71
N ASP B 393 7.83 6.78 40.43
CA ASP B 393 8.30 5.70 41.33
C ASP B 393 7.13 4.83 41.78
N SER B 394 6.16 4.58 40.92
CA SER B 394 5.06 3.63 41.21
C SER B 394 5.68 2.26 41.51
N TYR B 395 5.02 1.48 42.37
CA TYR B 395 5.46 0.11 42.74
C TYR B 395 5.63 -0.74 41.48
N CYS B 396 4.65 -0.70 40.58
CA CYS B 396 4.68 -1.53 39.33
C CYS B 396 5.83 -1.11 38.40
N SER B 397 6.16 0.19 38.31
CA SER B 397 7.26 0.65 37.42
C SER B 397 8.53 -0.09 37.85
N ASN B 398 8.73 -0.27 39.15
CA ASN B 398 9.92 -0.97 39.72
C ASN B 398 9.84 -2.46 39.37
N LEU B 399 8.66 -3.08 39.54
CA LEU B 399 8.45 -4.51 39.24
C LEU B 399 8.74 -4.77 37.75
N ILE B 400 8.38 -3.84 36.87
CA ILE B 400 8.54 -4.01 35.38
C ILE B 400 10.03 -3.91 35.05
N VAL B 401 10.72 -2.92 35.60
CA VAL B 401 12.20 -2.79 35.42
C VAL B 401 12.86 -4.10 35.85
N LYS B 402 12.47 -4.66 36.99
CA LYS B 402 13.12 -5.90 37.49
C LYS B 402 12.74 -7.09 36.60
N GLN B 403 11.51 -7.15 36.09
CA GLN B 403 11.11 -8.19 35.13
C GLN B 403 12.05 -8.15 33.93
N ILE B 404 12.24 -6.98 33.35
CA ILE B 404 13.08 -6.84 32.13
C ILE B 404 14.52 -7.29 32.46
N GLU B 405 15.06 -6.80 33.58
CA GLU B 405 16.44 -7.14 34.03
C GLU B 405 16.56 -8.66 34.15
N ASN B 406 15.57 -9.33 34.74
CA ASN B 406 15.64 -10.79 35.00
C ASN B 406 15.55 -11.54 33.67
N ARG B 407 14.68 -11.08 32.76
CA ARG B 407 14.49 -11.71 31.43
C ARG B 407 15.80 -11.60 30.63
N TYR B 408 16.48 -10.45 30.67
CA TYR B 408 17.81 -10.29 30.02
C TYR B 408 18.87 -11.14 30.73
N LYS B 409 18.81 -11.28 32.05
CA LYS B 409 19.79 -12.12 32.78
C LYS B 409 19.74 -13.54 32.18
N ILE B 410 18.53 -14.08 32.02
CA ILE B 410 18.30 -15.46 31.52
C ILE B 410 18.71 -15.55 30.05
N LEU B 411 18.27 -14.61 29.23
CA LEU B 411 18.62 -14.58 27.79
C LEU B 411 20.15 -14.58 27.63
N ASN B 412 20.81 -13.59 28.23
CA ASN B 412 22.26 -13.34 28.05
C ASN B 412 23.07 -14.54 28.55
N ASN B 413 22.62 -15.20 29.61
CA ASN B 413 23.33 -16.38 30.20
C ASN B 413 23.41 -17.50 29.15
N SER B 414 22.42 -17.61 28.26
CA SER B 414 22.36 -18.67 27.22
C SER B 414 22.87 -18.16 25.87
N LEU B 415 22.71 -16.87 25.57
CA LEU B 415 23.10 -16.32 24.24
C LEU B 415 24.60 -16.03 24.19
N ASN B 416 25.13 -15.40 25.23
CA ASN B 416 26.46 -14.76 25.18
C ASN B 416 27.57 -15.82 25.04
N PRO B 417 27.50 -17.01 25.68
CA PRO B 417 28.51 -18.04 25.45
C PRO B 417 28.59 -18.44 23.96
N ALA B 418 27.43 -18.66 23.33
CA ALA B 418 27.32 -18.97 21.88
C ALA B 418 28.00 -17.89 21.04
N ILE B 419 27.63 -16.63 21.25
CA ILE B 419 28.21 -15.48 20.48
C ILE B 419 29.73 -15.51 20.59
N SER B 420 30.27 -15.63 21.82
CA SER B 420 31.72 -15.58 22.12
C SER B 420 32.49 -16.71 21.43
N GLU B 421 31.87 -17.86 21.17
CA GLU B 421 32.52 -18.94 20.34
C GLU B 421 32.87 -18.46 18.92
N ASP B 422 32.32 -17.34 18.44
CA ASP B 422 32.75 -16.69 17.17
C ASP B 422 32.47 -17.60 15.96
N ASN B 423 31.46 -18.45 16.04
CA ASN B 423 31.01 -19.28 14.89
C ASN B 423 30.01 -18.47 14.07
N ASP B 424 29.57 -19.03 12.94
CA ASP B 424 28.59 -18.40 12.02
C ASP B 424 27.19 -18.44 12.65
N PHE B 425 26.21 -17.91 11.91
CA PHE B 425 24.83 -17.68 12.40
C PHE B 425 24.19 -19.01 12.85
N ASN B 426 24.21 -20.02 11.96
CA ASN B 426 23.46 -21.29 12.22
C ASN B 426 24.10 -22.00 13.41
N THR B 427 25.43 -21.98 13.50
CA THR B 427 26.17 -22.66 14.60
C THR B 427 25.83 -21.92 15.91
N THR B 428 25.97 -20.59 15.93
CA THR B 428 25.63 -19.75 17.11
C THR B 428 24.19 -20.05 17.55
N THR B 429 23.25 -20.07 16.61
CA THR B 429 21.80 -20.29 16.88
C THR B 429 21.58 -21.64 17.57
N ASN B 430 22.22 -22.73 17.11
CA ASN B 430 22.02 -24.08 17.68
C ASN B 430 22.61 -24.15 19.10
N THR B 431 23.80 -23.58 19.31
CA THR B 431 24.47 -23.51 20.64
C THR B 431 23.53 -22.79 21.61
N PHE B 432 23.05 -21.61 21.22
CA PHE B 432 22.05 -20.80 21.97
C PHE B 432 20.83 -21.65 22.31
N ILE B 433 20.20 -22.27 21.31
CA ILE B 433 18.94 -23.05 21.51
C ILE B 433 19.21 -24.27 22.41
N ASP B 434 20.39 -24.88 22.30
CA ASP B 434 20.77 -26.04 23.16
C ASP B 434 20.86 -25.57 24.62
N SER B 435 21.45 -24.40 24.85
CA SER B 435 21.60 -23.82 26.22
C SER B 435 20.21 -23.50 26.77
N ILE B 436 19.31 -22.95 25.95
CA ILE B 436 17.89 -22.68 26.34
C ILE B 436 17.24 -23.99 26.84
N MET B 437 17.35 -25.08 26.10
CA MET B 437 16.64 -26.36 26.45
C MET B 437 17.29 -26.99 27.68
N ALA B 438 18.60 -26.79 27.87
CA ALA B 438 19.35 -27.28 29.05
C ALA B 438 18.99 -26.46 30.30
N GLU B 439 18.72 -25.17 30.16
CA GLU B 439 18.50 -24.24 31.31
C GLU B 439 17.01 -24.17 31.67
N ALA B 440 16.11 -24.52 30.74
CA ALA B 440 14.65 -24.46 30.95
C ALA B 440 14.27 -25.20 32.24
N ASN B 441 13.35 -24.65 33.02
CA ASN B 441 12.74 -25.32 34.21
C ASN B 441 11.21 -25.18 34.11
N ALA B 442 10.50 -25.58 35.16
CA ALA B 442 9.01 -25.67 35.20
C ALA B 442 8.41 -24.26 35.13
N ASP B 443 8.87 -23.34 36.00
CA ASP B 443 8.35 -21.94 36.07
C ASP B 443 8.65 -21.22 34.75
N ASN B 444 9.94 -21.09 34.40
CA ASN B 444 10.47 -20.22 33.31
C ASN B 444 10.37 -20.92 31.94
N GLY B 445 10.06 -22.21 31.91
CA GLY B 445 10.06 -23.05 30.70
C GLY B 445 9.41 -22.35 29.50
N ARG B 446 8.21 -21.81 29.69
CA ARG B 446 7.35 -21.31 28.59
C ARG B 446 7.98 -20.03 28.01
N PHE B 447 8.59 -19.22 28.87
CA PHE B 447 9.33 -17.98 28.49
C PHE B 447 10.53 -18.36 27.62
N MET B 448 11.29 -19.36 28.06
CA MET B 448 12.46 -19.92 27.35
C MET B 448 12.11 -20.30 25.91
N MET B 449 10.98 -20.95 25.69
CA MET B 449 10.62 -21.49 24.34
C MET B 449 10.44 -20.31 23.37
N GLU B 450 10.18 -19.11 23.91
CA GLU B 450 9.87 -17.87 23.16
C GLU B 450 11.14 -17.11 22.78
N LEU B 451 12.32 -17.50 23.27
CA LEU B 451 13.59 -16.74 23.10
C LEU B 451 14.37 -17.19 21.87
N GLY B 452 14.05 -18.34 21.30
CA GLY B 452 14.92 -19.03 20.31
C GLY B 452 15.20 -18.20 19.07
N LYS B 453 14.34 -17.25 18.72
CA LYS B 453 14.47 -16.45 17.48
C LYS B 453 15.07 -15.07 17.76
N TYR B 454 15.64 -14.85 18.94
CA TYR B 454 16.12 -13.50 19.37
C TYR B 454 17.03 -12.85 18.32
N LEU B 455 18.01 -13.60 17.81
CA LEU B 455 19.03 -13.04 16.87
C LEU B 455 18.37 -12.61 15.55
N ARG B 456 17.17 -13.08 15.25
CA ARG B 456 16.48 -12.81 13.96
C ARG B 456 15.61 -11.54 14.04
N VAL B 457 15.45 -10.97 15.23
CA VAL B 457 14.50 -9.84 15.41
C VAL B 457 14.85 -8.74 14.42
N GLY B 458 13.87 -8.30 13.62
CA GLY B 458 14.04 -7.20 12.67
C GLY B 458 14.54 -7.66 11.30
N PHE B 459 14.93 -8.94 11.12
CA PHE B 459 15.63 -9.40 9.88
C PHE B 459 14.90 -10.56 9.19
N PHE B 460 13.87 -11.09 9.83
CA PHE B 460 13.04 -12.22 9.41
C PHE B 460 11.59 -11.84 9.64
N PRO B 461 10.63 -12.33 8.83
CA PRO B 461 9.22 -12.09 9.13
C PRO B 461 8.77 -12.91 10.34
N ASP B 462 7.75 -12.39 11.04
CA ASP B 462 6.99 -13.08 12.12
C ASP B 462 7.90 -13.38 13.31
N VAL B 463 8.86 -12.50 13.61
CA VAL B 463 9.75 -12.66 14.81
C VAL B 463 9.41 -11.53 15.78
N LYS B 464 8.91 -11.88 16.96
CA LYS B 464 8.27 -10.91 17.91
C LYS B 464 8.93 -11.01 19.29
N THR B 465 10.18 -11.51 19.36
CA THR B 465 10.85 -11.89 20.64
C THR B 465 10.85 -10.73 21.66
N THR B 466 10.98 -9.50 21.17
CA THR B 466 11.04 -8.25 21.96
C THR B 466 9.87 -8.19 22.94
N ILE B 467 8.69 -8.62 22.49
CA ILE B 467 7.44 -8.56 23.29
C ILE B 467 7.63 -9.37 24.59
N ASN B 468 8.41 -10.45 24.54
CA ASN B 468 8.59 -11.41 25.65
C ASN B 468 9.69 -10.94 26.62
N LEU B 469 10.54 -10.01 26.19
CA LEU B 469 11.74 -9.54 26.95
C LEU B 469 11.47 -8.19 27.59
N SER B 470 11.28 -7.15 26.78
CA SER B 470 11.21 -5.74 27.22
C SER B 470 9.80 -5.19 27.03
N GLY B 471 8.93 -5.94 26.38
CA GLY B 471 7.60 -5.46 25.96
C GLY B 471 6.47 -6.02 26.82
N PRO B 472 5.25 -6.11 26.27
CA PRO B 472 4.05 -6.48 27.03
C PRO B 472 4.14 -7.65 28.03
N GLU B 473 4.86 -8.72 27.73
CA GLU B 473 4.91 -9.89 28.64
C GLU B 473 5.54 -9.45 29.97
N ALA B 474 6.52 -8.53 29.95
CA ALA B 474 7.17 -8.00 31.18
C ALA B 474 6.14 -7.25 32.03
N TYR B 475 5.15 -6.60 31.41
CA TYR B 475 4.10 -5.82 32.10
C TYR B 475 3.12 -6.81 32.73
N ALA B 476 2.65 -7.82 31.98
CA ALA B 476 1.73 -8.89 32.48
C ALA B 476 2.35 -9.58 33.69
N ALA B 477 3.66 -9.86 33.62
CA ALA B 477 4.41 -10.58 34.67
C ALA B 477 4.54 -9.69 35.91
N ALA B 478 4.72 -8.38 35.72
CA ALA B 478 4.80 -7.38 36.81
C ALA B 478 3.43 -7.27 37.49
N TYR B 479 2.34 -7.31 36.74
CA TYR B 479 0.98 -7.25 37.33
C TYR B 479 0.74 -8.53 38.12
N GLN B 480 1.18 -9.67 37.57
CA GLN B 480 1.10 -10.96 38.29
C GLN B 480 1.91 -10.87 39.59
N ASP B 481 3.11 -10.28 39.55
CA ASP B 481 3.96 -10.05 40.74
C ASP B 481 3.17 -9.27 41.79
N LEU B 482 2.53 -8.16 41.40
CA LEU B 482 1.79 -7.32 42.35
C LEU B 482 0.63 -8.13 42.97
N LEU B 483 -0.17 -8.85 42.17
CA LEU B 483 -1.42 -9.52 42.62
C LEU B 483 -1.10 -10.80 43.40
N MET B 484 0.08 -11.41 43.17
CA MET B 484 0.53 -12.64 43.88
C MET B 484 1.57 -12.28 44.96
N PHE B 485 1.78 -11.00 45.26
CA PHE B 485 2.63 -10.55 46.39
C PHE B 485 4.02 -11.21 46.32
N LYS B 486 4.66 -11.15 45.16
CA LYS B 486 6.02 -11.68 44.96
C LYS B 486 6.73 -10.87 43.87
N GLU B 487 7.92 -11.32 43.48
CA GLU B 487 8.69 -10.78 42.34
C GLU B 487 9.23 -11.95 41.54
N GLY B 488 9.32 -11.83 40.21
CA GLY B 488 9.98 -12.81 39.34
C GLY B 488 9.03 -13.80 38.70
N SER B 489 7.72 -13.55 38.73
CA SER B 489 6.71 -14.34 37.95
C SER B 489 7.22 -14.52 36.53
N MET B 490 7.36 -15.78 36.08
CA MET B 490 7.78 -16.15 34.70
C MET B 490 6.63 -16.88 33.99
N ASN B 491 5.70 -17.46 34.73
CA ASN B 491 4.63 -18.34 34.19
C ASN B 491 3.30 -17.59 34.33
N ILE B 492 2.83 -16.94 33.25
CA ILE B 492 1.72 -15.93 33.32
C ILE B 492 0.37 -16.66 33.22
N HIS B 493 -0.48 -16.52 34.24
CA HIS B 493 -1.85 -17.12 34.27
C HIS B 493 -2.93 -16.02 34.38
N LEU B 494 -2.57 -14.73 34.36
CA LEU B 494 -3.58 -13.63 34.42
C LEU B 494 -4.55 -13.77 33.25
N ILE B 495 -5.82 -13.45 33.47
CA ILE B 495 -6.86 -13.41 32.40
C ILE B 495 -7.38 -11.98 32.31
N GLU B 496 -8.07 -11.68 31.22
CA GLU B 496 -8.44 -10.29 30.81
C GLU B 496 -9.18 -9.59 31.98
N ALA B 497 -9.92 -10.34 32.81
CA ALA B 497 -10.64 -9.78 33.99
C ALA B 497 -9.64 -9.14 34.96
N ASP B 498 -8.50 -9.81 35.17
CA ASP B 498 -7.39 -9.31 36.03
C ASP B 498 -6.80 -8.03 35.40
N LEU B 499 -6.41 -8.11 34.13
CA LEU B 499 -5.65 -7.06 33.41
C LEU B 499 -6.50 -5.80 33.25
N ARG B 500 -7.82 -5.96 33.09
CA ARG B 500 -8.79 -4.84 32.92
C ARG B 500 -8.55 -3.80 34.02
N ASN B 501 -8.10 -4.19 35.21
CA ASN B 501 -7.87 -3.22 36.33
C ASN B 501 -6.71 -2.27 36.01
N PHE B 502 -5.83 -2.63 35.08
CA PHE B 502 -4.58 -1.86 34.80
C PHE B 502 -4.67 -1.17 33.42
N GLU B 503 -5.83 -1.17 32.77
CA GLU B 503 -5.94 -0.75 31.35
C GLU B 503 -6.24 0.75 31.27
N ILE B 504 -5.60 1.42 30.30
CA ILE B 504 -5.89 2.83 29.96
C ILE B 504 -7.23 2.85 29.21
N SER B 505 -8.10 3.78 29.59
CA SER B 505 -9.41 3.99 28.91
C SER B 505 -9.17 4.29 27.42
N LYS B 506 -9.94 3.63 26.56
CA LYS B 506 -9.99 3.88 25.10
C LYS B 506 -10.15 5.39 24.79
N THR B 507 -10.76 6.20 25.67
CA THR B 507 -10.95 7.66 25.46
C THR B 507 -9.62 8.42 25.48
N ASN B 508 -8.56 7.86 26.04
CA ASN B 508 -7.30 8.63 26.27
C ASN B 508 -6.31 8.43 25.13
N ILE B 509 -6.49 7.46 24.23
CA ILE B 509 -5.58 7.27 23.06
C ILE B 509 -6.37 6.83 21.83
N SER B 510 -6.07 7.40 20.67
CA SER B 510 -6.44 6.81 19.35
C SER B 510 -5.29 5.92 18.89
N GLN B 511 -5.45 4.60 18.97
CA GLN B 511 -4.39 3.62 18.60
C GLN B 511 -4.47 3.24 17.11
N SER B 512 -5.63 3.36 16.46
CA SER B 512 -5.88 2.82 15.10
C SER B 512 -5.42 3.84 14.04
N THR B 513 -4.15 4.24 14.09
CA THR B 513 -3.59 5.29 13.20
C THR B 513 -2.93 4.65 11.98
N GLU B 514 -2.64 5.47 10.98
CA GLU B 514 -1.92 5.01 9.77
C GLU B 514 -0.52 4.46 10.15
N GLN B 515 0.25 5.21 10.95
CA GLN B 515 1.65 4.81 11.24
C GLN B 515 1.65 3.55 12.12
N GLU B 516 0.60 3.32 12.91
CA GLU B 516 0.48 2.11 13.77
C GLU B 516 0.48 0.85 12.89
N MET B 517 -0.09 0.90 11.68
CA MET B 517 -0.20 -0.30 10.80
C MET B 517 1.15 -0.65 10.18
N ALA B 518 2.15 0.24 10.24
CA ALA B 518 3.51 0.03 9.66
C ALA B 518 4.55 -0.11 10.78
N SER B 519 4.78 -1.34 11.25
CA SER B 519 5.74 -1.66 12.33
C SER B 519 7.17 -1.34 11.89
N LEU B 520 7.95 -0.71 12.77
CA LEU B 520 9.35 -0.32 12.49
C LEU B 520 10.34 -1.44 12.82
N TRP B 521 9.92 -2.52 13.49
CA TRP B 521 10.89 -3.54 13.99
C TRP B 521 10.48 -4.96 13.60
N SER B 522 9.31 -5.12 12.98
CA SER B 522 8.75 -6.45 12.65
C SER B 522 8.00 -6.34 11.31
N PHE B 523 7.80 -7.46 10.64
CA PHE B 523 7.05 -7.51 9.36
C PHE B 523 6.47 -8.90 9.19
N ASP B 524 5.34 -9.03 8.47
CA ASP B 524 4.65 -10.34 8.27
C ASP B 524 5.12 -10.96 6.95
N ASP B 525 4.61 -12.15 6.61
CA ASP B 525 5.03 -12.92 5.42
C ASP B 525 4.69 -12.15 4.14
N ALA B 526 3.52 -11.50 4.10
CA ALA B 526 3.08 -10.73 2.91
C ALA B 526 4.11 -9.63 2.64
N ARG B 527 4.52 -8.88 3.66
CA ARG B 527 5.51 -7.78 3.47
C ARG B 527 6.85 -8.39 3.06
N ALA B 528 7.19 -9.58 3.57
CA ALA B 528 8.47 -10.27 3.30
C ALA B 528 8.53 -10.66 1.82
N LYS B 529 7.46 -11.28 1.32
CA LYS B 529 7.33 -11.68 -0.11
C LYS B 529 7.49 -10.43 -0.99
N ALA B 530 6.83 -9.34 -0.65
CA ALA B 530 6.82 -8.06 -1.39
C ALA B 530 8.21 -7.41 -1.37
N GLN B 531 8.90 -7.46 -0.22
CA GLN B 531 10.30 -6.94 -0.10
C GLN B 531 11.19 -7.75 -1.05
N PHE B 532 11.04 -9.07 -1.09
CA PHE B 532 11.87 -9.98 -1.92
C PHE B 532 11.71 -9.62 -3.40
N GLU B 533 10.46 -9.43 -3.85
CA GLU B 533 10.14 -9.00 -5.24
C GLU B 533 10.78 -7.63 -5.50
N GLU B 534 10.62 -6.70 -4.55
CA GLU B 534 11.20 -5.33 -4.61
C GLU B 534 12.73 -5.41 -4.80
N TYR B 535 13.41 -6.28 -4.04
CA TYR B 535 14.90 -6.35 -4.01
C TYR B 535 15.40 -6.91 -5.35
N LYS B 536 14.71 -7.91 -5.90
CA LYS B 536 15.08 -8.54 -7.20
C LYS B 536 14.98 -7.49 -8.31
N ARG B 537 13.90 -6.71 -8.31
CA ARG B 537 13.64 -5.62 -9.28
C ARG B 537 14.78 -4.60 -9.20
N ASN B 538 15.03 -4.02 -8.01
CA ASN B 538 16.08 -2.99 -7.79
C ASN B 538 17.46 -3.54 -8.16
N TYR B 539 17.65 -4.85 -8.11
CA TYR B 539 18.91 -5.53 -8.49
C TYR B 539 19.01 -5.61 -10.01
N PHE B 540 18.05 -6.30 -10.66
CA PHE B 540 17.96 -6.45 -12.14
C PHE B 540 18.05 -5.11 -12.88
N GLU B 541 17.50 -4.01 -12.33
CA GLU B 541 17.50 -2.67 -12.99
C GLU B 541 18.58 -1.77 -12.34
N GLY B 542 19.58 -2.34 -11.67
CA GLY B 542 20.58 -1.62 -10.86
C GLY B 542 21.90 -1.46 -11.57
C1 EDO C . -33.99 20.15 -59.52
O1 EDO C . -33.99 18.98 -60.34
C2 EDO C . -34.95 21.21 -59.97
O2 EDO C . -36.33 20.89 -59.80
C1 EDO D . -14.45 1.10 -42.91
O1 EDO D . -13.40 0.25 -43.35
C2 EDO D . -13.95 2.40 -42.42
O2 EDO D . -13.37 3.20 -43.41
C1 EDO E . -2.91 -2.43 -39.43
O1 EDO E . -4.05 -3.16 -39.00
C2 EDO E . -3.23 -1.15 -40.12
O2 EDO E . -4.61 -1.05 -40.41
C1 EDO F . -23.28 8.38 -52.24
O1 EDO F . -24.40 7.54 -52.51
C2 EDO F . -23.30 9.68 -52.95
O2 EDO F . -23.72 10.78 -52.17
C1 EDO G . -11.57 -24.13 1.06
O1 EDO G . -10.38 -24.65 0.55
C2 EDO G . -11.98 -22.94 0.30
O2 EDO G . -13.36 -22.89 0.01
C1 EDO H . -24.28 13.75 -41.12
O1 EDO H . -22.93 13.61 -40.70
C2 EDO H . -25.19 12.90 -40.30
O2 EDO H . -26.28 13.61 -39.75
C1 EDO I . -16.81 1.98 -11.16
O1 EDO I . -17.59 1.60 -12.27
C2 EDO I . -15.37 1.61 -11.32
O2 EDO I . -14.50 2.72 -11.55
C1 EDO J . 23.34 11.72 -19.87
O1 EDO J . 22.83 12.56 -18.86
C2 EDO J . 22.48 11.73 -21.07
O2 EDO J . 22.44 13.01 -21.69
C1 EDO K . -25.64 -1.34 -54.35
O1 EDO K . -25.55 -1.59 -52.95
C2 EDO K . -26.98 -0.88 -54.82
O2 EDO K . -28.09 -1.62 -54.34
N1 UDP L . 1.49 -2.10 -20.94
C2 UDP L . 2.59 -2.85 -21.43
N3 UDP L . 3.81 -2.77 -20.86
C4 UDP L . 4.03 -1.93 -19.84
C5 UDP L . 2.98 -1.17 -19.35
C6 UDP L . 1.71 -1.25 -19.93
O2 UDP L . 2.38 -3.64 -22.39
O4 UDP L . 5.18 -1.82 -19.36
C1' UDP L . 0.17 -2.26 -21.61
C2' UDP L . -0.52 -3.54 -21.25
O2' UDP L . -1.07 -4.16 -22.44
C3' UDP L . -1.56 -3.04 -20.24
C4' UDP L . -1.94 -1.71 -20.83
O4' UDP L . -0.69 -1.15 -21.30
O3' UDP L . -2.60 -4.00 -20.05
C5' UDP L . -2.66 -0.67 -19.97
O5' UDP L . -2.03 -0.65 -18.68
PA UDP L . -2.85 -0.16 -17.41
O1A UDP L . -3.83 -1.22 -17.00
O2A UDP L . -1.79 0.30 -16.45
O3A UDP L . -3.66 1.15 -17.87
PB UDP L . -4.91 1.76 -17.08
O1B UDP L . -5.35 2.93 -17.89
O2B UDP L . -5.87 0.60 -16.82
O3B UDP L . -4.32 2.19 -15.74
O4 IFM M . -4.27 1.56 -22.49
C4 IFM M . -5.50 2.05 -21.98
C3 IFM M . -6.04 1.07 -20.96
O3 IFM M . -6.35 -0.14 -21.63
C2 IFM M . -7.31 1.61 -20.30
N IFM M . -7.09 2.95 -19.76
C1 IFM M . -6.64 3.90 -20.78
C5 IFM M . -5.32 3.44 -21.38
C6 IFM M . -4.78 4.45 -22.39
O6 IFM M . -5.67 4.70 -23.47
MN MN N . -5.64 -1.17 -16.00
C1 EDO O . -11.06 -1.08 30.90
O1 EDO O . -11.60 -1.71 29.76
C2 EDO O . -10.37 0.19 30.59
O2 EDO O . -11.23 1.30 30.57
C1 EDO P . 27.08 -10.23 17.61
O1 EDO P . 26.27 -10.64 16.48
C2 EDO P . 26.77 -8.88 18.23
O2 EDO P . 26.69 -7.70 17.38
C1 EDO Q . 9.42 -3.46 43.75
O1 EDO Q . 10.52 -4.26 44.12
C2 EDO Q . 9.19 -2.35 44.69
O2 EDO Q . 10.07 -1.25 44.53
C1 EDO R . 7.70 24.21 21.49
O1 EDO R . 9.06 24.17 21.11
C2 EDO R . 7.30 22.98 22.18
O2 EDO R . 7.12 23.10 23.58
C1 EDO S . 16.90 1.97 36.43
O1 EDO S . 16.23 1.78 37.66
C2 EDO S . 16.82 3.36 35.94
O2 EDO S . 15.58 3.99 36.22
C1 EDO T . 23.52 4.84 3.64
O1 EDO T . 23.86 5.28 2.32
C2 EDO T . 22.79 3.55 3.63
O2 EDO T . 21.82 3.52 2.62
C1 EDO U . -8.55 -21.52 69.08
O1 EDO U . -8.24 -20.28 69.74
C2 EDO U . -9.11 -21.34 67.70
O2 EDO U . -8.91 -22.43 66.79
C1 EDO V . 18.21 17.57 27.27
O1 EDO V . 18.65 16.74 28.35
C2 EDO V . 19.25 17.81 26.23
O2 EDO V . 18.76 17.96 24.91
C1 EDO W . 27.25 14.67 20.18
O1 EDO W . 27.57 14.55 21.55
C2 EDO W . 26.06 15.54 19.95
O2 EDO W . 25.23 15.10 18.87
C1 EDO X . -25.07 -2.52 7.13
O1 EDO X . -23.81 -3.10 7.38
C2 EDO X . -24.96 -1.05 6.99
O2 EDO X . -24.12 -0.67 5.91
N1 UDP Y . 11.71 3.41 17.76
C2 UDP Y . 12.77 4.31 17.75
N3 UDP Y . 13.56 4.38 16.67
C4 UDP Y . 13.39 3.59 15.58
C5 UDP Y . 12.33 2.66 15.56
C6 UDP Y . 11.53 2.58 16.69
O2 UDP Y . 12.99 5.09 18.72
O4 UDP Y . 14.18 3.71 14.61
C1' UDP Y . 10.88 3.30 18.95
C2' UDP Y . 9.84 4.38 19.04
O2' UDP Y . 9.80 4.81 20.40
C3' UDP Y . 8.55 3.72 18.63
C4' UDP Y . 8.77 2.35 19.22
O4' UDP Y . 10.18 2.09 18.94
O3' UDP Y . 7.47 4.53 19.12
C5' UDP Y . 7.91 1.20 18.71
O5' UDP Y . 7.94 1.11 17.29
PA UDP Y . 6.57 0.69 16.51
O1A UDP Y . 7.01 0.45 15.09
O2A UDP Y . 5.42 1.62 16.80
O3A UDP Y . 6.24 -0.73 17.16
PB UDP Y . 4.92 -1.63 17.03
O1B UDP Y . 4.87 -2.11 15.59
O2B UDP Y . 3.79 -0.79 17.56
O3B UDP Y . 5.23 -2.79 17.94
O4 IFM Z . 8.14 -1.22 21.61
C4 IFM Z . 6.91 -1.96 21.68
C3 IFM Z . 5.75 -1.14 21.13
O3 IFM Z . 5.52 0.02 21.92
C2 IFM Z . 4.47 -1.96 21.14
N IFM Z . 4.62 -3.24 20.43
C1 IFM Z . 5.69 -4.05 21.03
C5 IFM Z . 7.01 -3.29 20.93
C6 IFM Z . 8.18 -4.14 21.38
O6 IFM Z . 7.99 -4.64 22.70
MN MN AA . 3.33 1.00 16.82
#